data_4C9I
#
_entry.id   4C9I
#
_cell.length_a   81.734
_cell.length_b   82.459
_cell.length_c   224.664
_cell.angle_alpha   90.00
_cell.angle_beta   90.00
_cell.angle_gamma   90.00
#
_symmetry.space_group_name_H-M   'P 21 21 21'
#
loop_
_entity.id
_entity.type
_entity.pdbx_description
1 polymer 'MAJOR STRAWBERRY ALLERGEN FRA A 1-E'
2 non-polymer GLYCEROL
3 non-polymer (2R,3S)-2-(3,4-dihydroxyphenyl)-3,4-dihydro-2H-chromene-3,5,7-triol
4 water water
#
_entity_poly.entity_id   1
_entity_poly.type   'polypeptide(L)'
_entity_poly.pdbx_seq_one_letter_code
;AMAGVYTYENEFTSDIPAPKLFKAFVLDADNLIPKIAPQAVKCAEILEGDGGPGTIKKITFGEGSHYGYVKHKIHSIDKV
NHTYSYSLIEGDALSENIEKIDYETKLVSAPHGGTIIKTTSKYHTKGDVEIKEEHVKAGKEKAAHLFKLIEGYLKDHPSE
YN
;
_entity_poly.pdbx_strand_id   A,B,C,D,E,F
#
# COMPACT_ATOMS: atom_id res chain seq x y z
N ALA A 1 3.00 -40.35 -3.93
CA ALA A 1 2.56 -39.34 -2.89
C ALA A 1 1.06 -39.38 -2.64
N MET A 2 0.71 -39.65 -1.40
CA MET A 2 -0.67 -39.88 -1.00
C MET A 2 -1.55 -38.71 -1.37
N ALA A 3 -2.61 -38.97 -2.13
CA ALA A 3 -3.64 -37.95 -2.40
C ALA A 3 -4.91 -38.28 -1.62
N GLY A 4 -5.52 -37.30 -0.97
CA GLY A 4 -6.71 -37.57 -0.18
C GLY A 4 -7.56 -36.36 0.05
N VAL A 5 -8.69 -36.54 0.72
CA VAL A 5 -9.64 -35.45 0.87
C VAL A 5 -10.20 -35.37 2.25
N TYR A 6 -9.87 -34.29 2.95
CA TYR A 6 -10.41 -34.08 4.30
C TYR A 6 -11.73 -33.33 4.15
N THR A 7 -12.71 -33.67 4.96
CA THR A 7 -14.07 -33.19 4.72
C THR A 7 -14.61 -32.67 6.03
N TYR A 8 -15.29 -31.55 5.99
CA TYR A 8 -15.74 -30.95 7.22
C TYR A 8 -17.03 -30.24 6.99
N GLU A 9 -18.04 -30.62 7.77
CA GLU A 9 -19.36 -30.05 7.63
C GLU A 9 -19.50 -29.09 8.76
N ASN A 10 -20.18 -27.98 8.52
CA ASN A 10 -20.80 -27.24 9.58
C ASN A 10 -21.94 -26.42 9.07
N GLU A 11 -22.76 -25.92 9.99
CA GLU A 11 -23.93 -25.12 9.67
C GLU A 11 -23.92 -23.87 10.51
N PHE A 12 -24.57 -22.81 10.01
CA PHE A 12 -24.89 -21.62 10.82
C PHE A 12 -26.38 -21.43 10.64
N THR A 13 -26.96 -20.53 11.42
CA THR A 13 -28.35 -20.20 11.22
C THR A 13 -28.50 -18.70 11.07
N SER A 14 -29.69 -18.27 10.63
CA SER A 14 -29.91 -16.87 10.31
C SER A 14 -31.39 -16.54 10.26
N ASP A 15 -31.72 -15.29 10.58
CA ASP A 15 -33.11 -14.83 10.57
C ASP A 15 -33.59 -14.55 9.19
N ILE A 16 -32.65 -14.01 8.40
CA ILE A 16 -32.90 -13.62 7.03
C ILE A 16 -33.43 -14.83 6.29
N PRO A 17 -34.46 -14.66 5.47
CA PRO A 17 -34.98 -15.83 4.79
C PRO A 17 -34.08 -16.22 3.63
N ALA A 18 -34.07 -17.50 3.30
CA ALA A 18 -33.07 -18.03 2.39
C ALA A 18 -32.88 -17.16 1.16
N PRO A 19 -33.95 -16.90 0.37
CA PRO A 19 -33.68 -16.21 -0.90
C PRO A 19 -33.00 -14.82 -0.80
N LYS A 20 -33.40 -13.94 0.14
CA LYS A 20 -32.75 -12.62 0.31
C LYS A 20 -31.27 -12.82 0.45
N LEU A 21 -30.94 -13.70 1.37
CA LEU A 21 -29.57 -14.03 1.70
C LEU A 21 -28.79 -14.50 0.46
N PHE A 22 -29.36 -15.46 -0.23
CA PHE A 22 -28.75 -15.97 -1.44
C PHE A 22 -28.40 -14.87 -2.40
N LYS A 23 -29.31 -13.91 -2.59
CA LYS A 23 -29.05 -12.79 -3.51
C LYS A 23 -27.96 -11.88 -3.03
N ALA A 24 -27.98 -11.64 -1.72
CA ALA A 24 -27.00 -10.79 -1.11
C ALA A 24 -25.65 -11.52 -1.06
N PHE A 25 -25.62 -12.64 -0.32
CA PHE A 25 -24.38 -13.33 -0.01
C PHE A 25 -23.77 -14.05 -1.18
N VAL A 26 -24.54 -14.81 -1.94
CA VAL A 26 -23.98 -15.52 -3.09
C VAL A 26 -23.91 -14.63 -4.34
N LEU A 27 -25.05 -14.06 -4.70
CA LEU A 27 -25.17 -13.47 -6.01
C LEU A 27 -24.49 -12.09 -6.15
N ASP A 28 -24.39 -11.32 -5.07
CA ASP A 28 -23.80 -9.97 -5.11
C ASP A 28 -22.68 -9.84 -4.10
N ALA A 29 -22.14 -10.97 -3.66
CA ALA A 29 -21.01 -11.00 -2.75
C ALA A 29 -19.93 -10.03 -3.18
N ASP A 30 -19.61 -10.04 -4.47
CA ASP A 30 -18.51 -9.23 -5.03
C ASP A 30 -18.61 -7.76 -4.68
N ASN A 31 -19.84 -7.32 -4.58
CA ASN A 31 -20.19 -5.96 -4.32
C ASN A 31 -20.53 -5.73 -2.86
N LEU A 32 -21.45 -6.53 -2.33
CA LEU A 32 -21.92 -6.35 -0.98
C LEU A 32 -20.88 -6.62 0.08
N ILE A 33 -19.89 -7.46 -0.17
CA ILE A 33 -18.98 -7.80 0.94
C ILE A 33 -17.93 -6.73 1.23
N PRO A 34 -17.20 -6.28 0.22
CA PRO A 34 -16.30 -5.14 0.44
C PRO A 34 -16.94 -3.93 1.18
N LYS A 35 -18.23 -3.73 0.94
CA LYS A 35 -19.01 -2.63 1.53
C LYS A 35 -19.11 -2.75 3.02
N ILE A 36 -19.19 -3.97 3.50
CA ILE A 36 -19.54 -4.20 4.88
C ILE A 36 -18.45 -4.82 5.72
N ALA A 37 -17.25 -4.98 5.15
CA ALA A 37 -16.12 -5.51 5.90
C ALA A 37 -14.89 -5.06 5.21
N PRO A 38 -14.73 -3.75 5.09
CA PRO A 38 -13.61 -3.21 4.37
C PRO A 38 -12.29 -3.49 5.10
N GLN A 39 -12.37 -3.69 6.41
CA GLN A 39 -11.22 -4.09 7.21
C GLN A 39 -10.61 -5.37 6.66
N ALA A 40 -11.47 -6.33 6.40
CA ALA A 40 -11.06 -7.68 6.03
C ALA A 40 -11.09 -8.01 4.53
N VAL A 41 -11.84 -7.24 3.72
CA VAL A 41 -11.96 -7.47 2.26
C VAL A 41 -11.85 -6.15 1.49
N LYS A 42 -10.70 -5.93 0.85
CA LYS A 42 -10.51 -4.71 0.07
C LYS A 42 -11.40 -4.73 -1.18
N CYS A 43 -11.25 -5.75 -2.00
CA CYS A 43 -11.76 -5.73 -3.35
C CYS A 43 -12.19 -7.16 -3.78
N ALA A 44 -12.86 -7.28 -4.92
CA ALA A 44 -13.22 -8.59 -5.52
C ALA A 44 -13.41 -8.41 -7.02
N GLU A 45 -12.81 -9.26 -7.82
CA GLU A 45 -12.64 -8.97 -9.24
C GLU A 45 -12.73 -10.26 -10.05
N ILE A 46 -13.48 -10.25 -11.15
CA ILE A 46 -13.56 -11.42 -12.02
C ILE A 46 -12.43 -11.46 -13.03
N LEU A 47 -11.55 -12.44 -12.93
CA LEU A 47 -10.47 -12.57 -13.92
C LEU A 47 -10.97 -13.20 -15.21
N GLU A 48 -11.93 -14.11 -15.13
CA GLU A 48 -12.40 -14.82 -16.34
C GLU A 48 -13.79 -15.40 -16.19
N GLY A 49 -14.56 -15.34 -17.26
CA GLY A 49 -15.90 -15.88 -17.29
C GLY A 49 -16.95 -14.82 -16.99
N ASP A 50 -18.20 -15.22 -17.19
CA ASP A 50 -19.35 -14.40 -16.87
C ASP A 50 -19.42 -14.19 -15.36
N GLY A 51 -19.14 -15.25 -14.61
CA GLY A 51 -19.47 -15.29 -13.19
C GLY A 51 -20.35 -16.48 -12.88
N GLY A 52 -20.71 -17.22 -13.92
CA GLY A 52 -21.40 -18.50 -13.74
C GLY A 52 -20.37 -19.59 -13.62
N PRO A 53 -20.76 -20.82 -13.91
CA PRO A 53 -19.84 -21.95 -13.87
C PRO A 53 -18.57 -21.70 -14.68
N GLY A 54 -17.43 -21.95 -14.07
CA GLY A 54 -16.15 -21.87 -14.76
C GLY A 54 -15.42 -20.58 -14.55
N THR A 55 -16.07 -19.61 -13.93
CA THR A 55 -15.46 -18.31 -13.67
C THR A 55 -14.27 -18.40 -12.72
N ILE A 56 -13.31 -17.52 -12.90
CA ILE A 56 -12.26 -17.36 -11.89
C ILE A 56 -12.33 -16.00 -11.26
N LYS A 57 -12.49 -15.93 -9.93
CA LYS A 57 -12.44 -14.67 -9.21
C LYS A 57 -11.16 -14.55 -8.42
N LYS A 58 -10.55 -13.37 -8.41
CA LYS A 58 -9.56 -13.04 -7.41
C LYS A 58 -10.22 -12.19 -6.36
N ILE A 59 -10.14 -12.58 -5.10
CA ILE A 59 -10.66 -11.76 -4.03
C ILE A 59 -9.50 -11.22 -3.23
N THR A 60 -9.42 -9.90 -3.06
CA THR A 60 -8.29 -9.27 -2.39
C THR A 60 -8.58 -8.84 -0.95
N PHE A 61 -7.82 -9.38 -0.01
CA PHE A 61 -8.05 -9.15 1.42
C PHE A 61 -7.21 -7.98 1.97
N GLY A 62 -7.65 -7.45 3.11
CA GLY A 62 -6.89 -6.45 3.85
C GLY A 62 -6.12 -7.13 4.95
N GLU A 63 -6.41 -6.76 6.19
CA GLU A 63 -5.68 -7.27 7.36
C GLU A 63 -6.12 -8.70 7.73
N GLY A 64 -5.17 -9.43 8.31
CA GLY A 64 -5.42 -10.81 8.77
C GLY A 64 -5.45 -11.86 7.67
N SER A 65 -4.67 -11.62 6.61
CA SER A 65 -4.45 -12.64 5.56
C SER A 65 -2.98 -13.01 5.52
N HIS A 66 -2.69 -14.30 5.64
CA HIS A 66 -1.35 -14.83 5.36
C HIS A 66 -0.77 -14.28 4.02
N TYR A 67 -1.48 -14.54 2.92
CA TYR A 67 -1.02 -14.20 1.59
C TYR A 67 -1.66 -12.98 0.93
N GLY A 68 -2.72 -12.45 1.53
CA GLY A 68 -3.38 -11.24 1.03
C GLY A 68 -4.38 -11.39 -0.11
N TYR A 69 -4.65 -12.60 -0.58
CA TYR A 69 -5.69 -12.85 -1.58
C TYR A 69 -6.11 -14.34 -1.65
N VAL A 70 -7.16 -14.60 -2.41
CA VAL A 70 -7.43 -15.94 -2.89
C VAL A 70 -7.78 -15.86 -4.36
N LYS A 71 -7.88 -17.02 -5.00
CA LYS A 71 -8.67 -17.12 -6.21
C LYS A 71 -9.69 -18.22 -6.06
N HIS A 72 -10.87 -18.03 -6.64
CA HIS A 72 -11.94 -19.01 -6.61
C HIS A 72 -12.34 -19.41 -8.02
N LYS A 73 -12.66 -20.67 -8.21
CA LYS A 73 -13.25 -21.12 -9.46
C LYS A 73 -14.64 -21.51 -9.08
N ILE A 74 -15.63 -21.01 -9.80
CA ILE A 74 -17.04 -21.35 -9.51
C ILE A 74 -17.37 -22.67 -10.19
N HIS A 75 -17.72 -23.70 -9.42
CA HIS A 75 -18.05 -25.00 -10.03
C HIS A 75 -19.49 -24.98 -10.53
N SER A 76 -20.40 -24.45 -9.70
CA SER A 76 -21.85 -24.40 -10.03
C SER A 76 -22.61 -23.32 -9.23
N ILE A 77 -23.78 -22.92 -9.72
CA ILE A 77 -24.68 -22.04 -9.01
C ILE A 77 -26.09 -22.41 -9.35
N ASP A 78 -26.88 -22.77 -8.35
CA ASP A 78 -28.28 -23.10 -8.59
C ASP A 78 -29.21 -22.11 -7.87
N LYS A 79 -29.67 -21.12 -8.64
CA LYS A 79 -30.50 -20.06 -8.14
C LYS A 79 -31.83 -20.55 -7.60
N VAL A 80 -32.39 -21.58 -8.19
CA VAL A 80 -33.70 -22.05 -7.77
C VAL A 80 -33.61 -22.90 -6.51
N ASN A 81 -32.61 -23.76 -6.45
CA ASN A 81 -32.37 -24.55 -5.26
C ASN A 81 -31.53 -23.87 -4.17
N HIS A 82 -30.97 -22.69 -4.43
CA HIS A 82 -30.28 -21.88 -3.40
C HIS A 82 -29.00 -22.54 -2.92
N THR A 83 -28.21 -22.97 -3.90
CA THR A 83 -26.99 -23.72 -3.63
C THR A 83 -25.90 -23.22 -4.52
N TYR A 84 -24.69 -23.51 -4.09
CA TYR A 84 -23.54 -22.84 -4.57
C TYR A 84 -22.37 -23.79 -4.29
N SER A 85 -21.49 -23.94 -5.28
CA SER A 85 -20.27 -24.71 -5.11
C SER A 85 -19.14 -24.05 -5.85
N TYR A 86 -17.99 -23.97 -5.20
CA TYR A 86 -16.77 -23.41 -5.79
C TYR A 86 -15.50 -24.00 -5.16
N SER A 87 -14.33 -23.54 -5.62
CA SER A 87 -13.08 -24.05 -5.12
C SER A 87 -12.05 -22.97 -4.89
N LEU A 88 -11.54 -22.92 -3.68
CA LEU A 88 -10.39 -22.12 -3.41
C LEU A 88 -9.19 -22.78 -4.15
N ILE A 89 -8.51 -22.03 -5.02
CA ILE A 89 -7.49 -22.61 -5.87
C ILE A 89 -6.13 -21.96 -5.92
N GLU A 90 -5.91 -20.89 -5.19
CA GLU A 90 -4.59 -20.29 -5.16
C GLU A 90 -4.76 -19.22 -4.14
N GLY A 91 -3.81 -19.14 -3.22
CA GLY A 91 -3.90 -18.16 -2.17
C GLY A 91 -3.92 -18.75 -0.79
N ASP A 92 -4.89 -18.32 0.00
CA ASP A 92 -4.68 -18.12 1.43
C ASP A 92 -4.59 -19.38 2.26
N ALA A 93 -5.47 -20.33 2.02
CA ALA A 93 -5.43 -21.50 2.91
C ALA A 93 -4.58 -22.63 2.36
N LEU A 94 -3.79 -22.36 1.31
CA LEU A 94 -3.19 -23.42 0.52
C LEU A 94 -1.73 -23.44 0.79
N SER A 95 -1.12 -24.51 0.34
CA SER A 95 0.28 -24.79 0.56
C SER A 95 0.65 -25.98 -0.30
N GLU A 96 1.89 -26.43 -0.20
CA GLU A 96 2.34 -27.64 -0.92
C GLU A 96 1.47 -28.83 -0.54
N ASN A 97 0.99 -28.85 0.70
CA ASN A 97 0.27 -29.98 1.24
C ASN A 97 -1.22 -29.90 1.18
N ILE A 98 -1.73 -28.73 0.81
CA ILE A 98 -3.17 -28.53 0.58
C ILE A 98 -3.36 -27.97 -0.83
N GLU A 99 -3.51 -28.86 -1.79
CA GLU A 99 -3.55 -28.44 -3.18
C GLU A 99 -4.76 -27.56 -3.51
N LYS A 100 -5.86 -27.79 -2.81
CA LYS A 100 -7.09 -27.15 -3.15
C LYS A 100 -8.08 -27.34 -2.02
N ILE A 101 -9.03 -26.42 -1.91
CA ILE A 101 -10.18 -26.60 -1.06
C ILE A 101 -11.47 -26.32 -1.80
N ASP A 102 -12.45 -27.19 -1.57
CA ASP A 102 -13.74 -27.12 -2.22
C ASP A 102 -14.76 -26.73 -1.21
N TYR A 103 -15.66 -25.81 -1.56
CA TYR A 103 -16.79 -25.51 -0.72
C TYR A 103 -18.06 -25.74 -1.47
N GLU A 104 -19.06 -26.24 -0.78
CA GLU A 104 -20.39 -26.35 -1.32
C GLU A 104 -21.33 -25.83 -0.25
N THR A 105 -22.23 -24.92 -0.61
CA THR A 105 -23.09 -24.31 0.39
C THR A 105 -24.54 -24.36 0.04
N LYS A 106 -25.34 -24.84 1.00
CA LYS A 106 -26.74 -24.96 0.81
C LYS A 106 -27.47 -24.17 1.84
N LEU A 107 -28.18 -23.16 1.36
CA LEU A 107 -29.10 -22.40 2.16
C LEU A 107 -30.38 -23.20 2.21
N VAL A 108 -30.94 -23.36 3.40
CA VAL A 108 -32.18 -24.11 3.57
C VAL A 108 -33.08 -23.34 4.49
N SER A 109 -34.38 -23.46 4.26
CA SER A 109 -35.36 -22.69 4.97
C SER A 109 -35.68 -23.40 6.26
N ALA A 110 -35.22 -22.83 7.37
CA ALA A 110 -35.52 -23.31 8.72
C ALA A 110 -36.98 -23.06 9.13
N PRO A 111 -37.39 -23.60 10.30
CA PRO A 111 -38.58 -23.10 11.00
C PRO A 111 -38.36 -21.77 11.79
N HIS A 112 -39.20 -20.77 11.57
CA HIS A 112 -40.15 -20.72 10.43
C HIS A 112 -39.98 -19.38 9.72
N GLY A 113 -39.66 -19.47 8.43
CA GLY A 113 -39.38 -18.30 7.56
C GLY A 113 -37.90 -17.91 7.45
N GLY A 114 -37.07 -18.40 8.41
CA GLY A 114 -35.60 -18.11 8.54
C GLY A 114 -34.73 -19.07 7.75
N THR A 115 -33.43 -19.09 8.01
CA THR A 115 -32.49 -19.87 7.17
C THR A 115 -31.43 -20.66 7.90
N ILE A 116 -31.02 -21.76 7.28
CA ILE A 116 -29.85 -22.49 7.75
C ILE A 116 -28.82 -22.63 6.65
N ILE A 117 -27.65 -22.06 6.91
CA ILE A 117 -26.57 -22.13 5.98
C ILE A 117 -25.77 -23.37 6.26
N LYS A 118 -25.84 -24.32 5.32
CA LYS A 118 -25.07 -25.56 5.38
C LYS A 118 -23.90 -25.46 4.45
N THR A 119 -22.70 -25.48 5.00
CA THR A 119 -21.46 -25.61 4.23
C THR A 119 -20.69 -26.92 4.50
N THR A 120 -20.19 -27.51 3.42
CA THR A 120 -19.32 -28.67 3.45
C THR A 120 -17.99 -28.28 2.81
N SER A 121 -16.90 -28.47 3.56
CA SER A 121 -15.56 -28.07 3.11
C SER A 121 -14.71 -29.30 2.88
N LYS A 122 -14.01 -29.33 1.73
CA LYS A 122 -13.23 -30.49 1.28
C LYS A 122 -11.78 -30.19 0.93
N TYR A 123 -10.91 -30.47 1.87
CA TYR A 123 -9.47 -30.28 1.71
C TYR A 123 -8.78 -31.36 0.89
N HIS A 124 -8.44 -31.03 -0.34
CA HIS A 124 -7.65 -31.90 -1.15
C HIS A 124 -6.21 -31.83 -0.68
N THR A 125 -5.78 -32.92 -0.03
CA THR A 125 -4.43 -33.07 0.52
C THR A 125 -3.44 -33.79 -0.40
N LYS A 126 -2.18 -33.40 -0.28
CA LYS A 126 -1.04 -34.17 -0.77
C LYS A 126 -0.08 -34.51 0.39
N GLY A 127 0.31 -35.78 0.49
CA GLY A 127 1.31 -36.20 1.45
C GLY A 127 0.72 -36.45 2.82
N ASP A 128 1.51 -36.30 3.87
CA ASP A 128 1.01 -36.49 5.22
C ASP A 128 -0.05 -35.46 5.35
N VAL A 129 -1.06 -35.74 6.19
CA VAL A 129 -2.18 -34.83 6.43
C VAL A 129 -2.10 -34.30 7.84
N GLU A 130 -1.65 -33.06 7.96
CA GLU A 130 -1.76 -32.29 9.19
C GLU A 130 -2.71 -31.11 8.90
N ILE A 131 -3.86 -31.10 9.58
CA ILE A 131 -4.85 -30.06 9.43
C ILE A 131 -5.29 -29.71 10.83
N LYS A 132 -4.88 -28.53 11.27
CA LYS A 132 -4.99 -28.12 12.65
C LYS A 132 -6.45 -27.68 12.95
N GLU A 133 -7.00 -28.10 14.08
CA GLU A 133 -8.32 -27.68 14.48
C GLU A 133 -8.44 -26.15 14.43
N GLU A 134 -7.37 -25.49 14.87
CA GLU A 134 -7.29 -24.03 14.92
C GLU A 134 -7.56 -23.45 13.56
N HIS A 135 -6.70 -23.75 12.59
CA HIS A 135 -6.78 -23.13 11.28
C HIS A 135 -8.20 -23.24 10.70
N VAL A 136 -8.89 -24.33 11.07
CA VAL A 136 -10.24 -24.66 10.62
C VAL A 136 -11.34 -23.91 11.41
N LYS A 137 -11.25 -23.95 12.73
CA LYS A 137 -12.25 -23.27 13.54
C LYS A 137 -12.05 -21.78 13.46
N ALA A 138 -10.81 -21.37 13.24
CA ALA A 138 -10.52 -19.97 13.01
C ALA A 138 -11.30 -19.54 11.78
N GLY A 139 -11.30 -20.41 10.76
CA GLY A 139 -12.05 -20.16 9.54
C GLY A 139 -13.56 -20.09 9.75
N LYS A 140 -14.08 -20.98 10.57
CA LYS A 140 -15.51 -20.98 10.90
C LYS A 140 -15.92 -19.59 11.41
N GLU A 141 -15.22 -19.13 12.44
CA GLU A 141 -15.42 -17.82 13.04
C GLU A 141 -15.40 -16.69 12.02
N LYS A 142 -14.41 -16.63 11.16
CA LYS A 142 -14.40 -15.64 10.09
C LYS A 142 -15.72 -15.59 9.30
N ALA A 143 -16.19 -16.75 8.89
CA ALA A 143 -17.39 -16.83 8.09
C ALA A 143 -18.57 -16.49 8.97
N ALA A 144 -18.59 -17.01 10.19
CA ALA A 144 -19.68 -16.72 11.12
C ALA A 144 -19.86 -15.20 11.37
N HIS A 145 -18.74 -14.50 11.55
CA HIS A 145 -18.74 -13.07 11.76
C HIS A 145 -19.33 -12.46 10.53
N LEU A 146 -18.73 -12.75 9.40
CA LEU A 146 -19.18 -12.22 8.13
C LEU A 146 -20.70 -12.40 7.89
N PHE A 147 -21.26 -13.57 8.18
CA PHE A 147 -22.72 -13.75 8.03
C PHE A 147 -23.49 -12.88 8.99
N LYS A 148 -22.95 -12.69 10.18
CA LYS A 148 -23.54 -11.80 11.17
C LYS A 148 -23.61 -10.36 10.64
N LEU A 149 -22.52 -9.89 10.06
CA LEU A 149 -22.48 -8.58 9.41
C LEU A 149 -23.47 -8.48 8.30
N ILE A 150 -23.70 -9.56 7.58
CA ILE A 150 -24.70 -9.54 6.50
C ILE A 150 -26.13 -9.44 7.04
N GLU A 151 -26.50 -10.32 7.97
CA GLU A 151 -27.77 -10.24 8.67
C GLU A 151 -28.00 -8.77 9.01
N GLY A 152 -27.15 -8.26 9.88
CA GLY A 152 -27.30 -6.95 10.42
C GLY A 152 -27.56 -5.94 9.32
N TYR A 153 -26.66 -5.89 8.36
CA TYR A 153 -26.84 -4.96 7.26
C TYR A 153 -28.18 -5.07 6.56
N LEU A 154 -28.53 -6.27 6.17
CA LEU A 154 -29.76 -6.53 5.47
C LEU A 154 -31.01 -6.13 6.26
N LYS A 155 -30.95 -6.33 7.56
CA LYS A 155 -32.03 -5.86 8.45
C LYS A 155 -32.11 -4.32 8.49
N ASP A 156 -30.99 -3.65 8.26
CA ASP A 156 -30.95 -2.23 8.18
C ASP A 156 -31.24 -1.70 6.76
N HIS A 157 -31.48 -2.61 5.82
CA HIS A 157 -31.74 -2.22 4.43
C HIS A 157 -32.83 -3.15 3.86
N PRO A 158 -34.05 -3.07 4.42
CA PRO A 158 -35.05 -4.05 3.99
C PRO A 158 -35.57 -3.82 2.61
N SER A 159 -35.22 -2.71 1.97
CA SER A 159 -35.69 -2.46 0.63
C SER A 159 -34.76 -3.11 -0.36
N GLU A 160 -33.74 -3.79 0.17
CA GLU A 160 -32.73 -4.40 -0.67
C GLU A 160 -32.83 -5.96 -0.78
N TYR A 161 -32.47 -6.46 -1.96
CA TYR A 161 -32.39 -7.91 -2.24
C TYR A 161 -33.72 -8.62 -2.04
N ASN A 162 -34.76 -8.08 -2.66
CA ASN A 162 -36.10 -8.60 -2.49
C ASN A 162 -36.58 -9.34 -3.71
N ALA B 1 -60.66 8.19 -22.17
CA ALA B 1 -61.27 6.95 -21.55
C ALA B 1 -60.42 6.42 -20.39
N MET B 2 -61.09 5.89 -19.35
CA MET B 2 -60.41 5.75 -18.05
C MET B 2 -59.65 4.43 -17.95
N ALA B 3 -58.41 4.55 -17.51
CA ALA B 3 -57.49 3.45 -17.38
C ALA B 3 -57.40 3.03 -15.93
N GLY B 4 -57.85 1.82 -15.66
CA GLY B 4 -57.76 1.25 -14.35
C GLY B 4 -57.08 -0.09 -14.40
N VAL B 5 -57.23 -0.84 -13.32
CA VAL B 5 -56.61 -2.11 -13.15
C VAL B 5 -57.50 -2.88 -12.24
N TYR B 6 -58.07 -3.95 -12.76
CA TYR B 6 -58.85 -4.85 -11.94
C TYR B 6 -57.99 -6.01 -11.56
N THR B 7 -57.83 -6.20 -10.25
CA THR B 7 -56.93 -7.19 -9.69
C THR B 7 -57.74 -8.28 -9.02
N TYR B 8 -57.60 -9.50 -9.51
CA TYR B 8 -58.15 -10.70 -8.87
C TYR B 8 -56.95 -11.46 -8.36
N GLU B 9 -57.03 -12.04 -7.15
CA GLU B 9 -55.97 -12.94 -6.66
C GLU B 9 -56.51 -14.31 -6.38
N ASN B 10 -55.71 -15.32 -6.65
CA ASN B 10 -56.16 -16.70 -6.47
C ASN B 10 -55.03 -17.63 -6.06
N GLU B 11 -55.38 -18.71 -5.35
CA GLU B 11 -54.42 -19.71 -4.81
C GLU B 11 -54.73 -21.18 -4.97
N PHE B 12 -53.70 -21.98 -5.26
CA PHE B 12 -53.77 -23.45 -5.19
C PHE B 12 -52.67 -24.12 -4.35
N THR B 13 -53.03 -25.15 -3.59
CA THR B 13 -52.05 -26.04 -2.97
C THR B 13 -51.43 -26.99 -3.99
N SER B 14 -50.18 -27.36 -3.75
CA SER B 14 -49.53 -28.41 -4.50
C SER B 14 -48.59 -29.21 -3.61
N ASP B 15 -48.48 -30.49 -3.93
CA ASP B 15 -47.69 -31.46 -3.17
C ASP B 15 -46.21 -31.27 -3.41
N ILE B 16 -45.85 -30.94 -4.65
CA ILE B 16 -44.46 -30.77 -5.03
C ILE B 16 -43.80 -29.60 -4.31
N PRO B 17 -42.55 -29.77 -3.87
CA PRO B 17 -41.67 -28.70 -3.53
C PRO B 17 -41.67 -27.55 -4.50
N ALA B 18 -41.78 -26.35 -3.94
CA ALA B 18 -41.70 -25.11 -4.71
C ALA B 18 -40.54 -25.06 -5.70
N PRO B 19 -39.30 -25.36 -5.28
CA PRO B 19 -38.23 -25.21 -6.30
C PRO B 19 -38.40 -26.09 -7.54
N LYS B 20 -39.06 -27.22 -7.37
CA LYS B 20 -39.17 -28.25 -8.40
C LYS B 20 -40.17 -27.76 -9.40
N LEU B 21 -41.36 -27.50 -8.87
CA LEU B 21 -42.49 -26.96 -9.61
C LEU B 21 -42.00 -25.79 -10.42
N PHE B 22 -41.15 -24.96 -9.81
CA PHE B 22 -40.68 -23.78 -10.52
C PHE B 22 -39.85 -24.15 -11.72
N LYS B 23 -38.95 -25.13 -11.61
CA LYS B 23 -38.07 -25.56 -12.76
C LYS B 23 -38.85 -26.25 -13.85
N ALA B 24 -39.89 -26.96 -13.44
CA ALA B 24 -40.75 -27.68 -14.35
C ALA B 24 -41.64 -26.74 -15.11
N PHE B 25 -42.45 -26.02 -14.35
CA PHE B 25 -43.62 -25.29 -14.85
C PHE B 25 -43.26 -24.00 -15.50
N VAL B 26 -42.37 -23.24 -14.88
CA VAL B 26 -41.96 -21.94 -15.39
C VAL B 26 -40.80 -22.13 -16.35
N LEU B 27 -39.68 -22.63 -15.85
CA LEU B 27 -38.41 -22.68 -16.61
C LEU B 27 -38.37 -23.66 -17.81
N ASP B 28 -39.17 -24.72 -17.80
CA ASP B 28 -39.16 -25.68 -18.89
C ASP B 28 -40.60 -25.90 -19.35
N ALA B 29 -41.35 -24.80 -19.42
CA ALA B 29 -42.78 -24.86 -19.69
C ALA B 29 -43.01 -25.28 -21.12
N ASP B 30 -42.26 -24.65 -22.01
CA ASP B 30 -42.38 -24.84 -23.46
C ASP B 30 -42.33 -26.30 -23.88
N ASN B 31 -41.56 -27.08 -23.14
CA ASN B 31 -41.21 -28.43 -23.51
C ASN B 31 -42.03 -29.44 -22.75
N LEU B 32 -42.19 -29.18 -21.47
CA LEU B 32 -42.96 -30.06 -20.61
C LEU B 32 -44.43 -29.95 -20.94
N ILE B 33 -44.96 -28.74 -20.99
CA ILE B 33 -46.40 -28.58 -21.03
C ILE B 33 -47.06 -29.22 -22.24
N PRO B 34 -46.51 -28.98 -23.44
CA PRO B 34 -47.08 -29.63 -24.61
C PRO B 34 -47.03 -31.15 -24.50
N LYS B 35 -46.01 -31.68 -23.83
CA LYS B 35 -45.87 -33.13 -23.66
C LYS B 35 -47.00 -33.77 -22.82
N ILE B 36 -47.42 -33.12 -21.74
CA ILE B 36 -48.42 -33.70 -20.83
C ILE B 36 -49.86 -33.21 -20.97
N ALA B 37 -50.05 -32.16 -21.75
CA ALA B 37 -51.40 -31.65 -22.03
C ALA B 37 -51.52 -31.63 -23.53
N PRO B 38 -51.44 -32.80 -24.17
CA PRO B 38 -51.25 -32.75 -25.62
C PRO B 38 -52.33 -31.90 -26.28
N GLN B 39 -53.58 -32.27 -26.03
CA GLN B 39 -54.74 -31.43 -26.35
C GLN B 39 -54.72 -30.19 -25.43
N ALA B 40 -55.16 -29.05 -25.97
CA ALA B 40 -55.21 -27.77 -25.23
C ALA B 40 -53.85 -27.12 -25.13
N VAL B 41 -52.89 -27.61 -25.92
CA VAL B 41 -51.60 -26.92 -26.17
C VAL B 41 -50.79 -27.72 -27.18
N LYS B 42 -50.09 -27.03 -28.05
CA LYS B 42 -49.31 -27.70 -29.06
C LYS B 42 -47.93 -27.13 -29.00
N CYS B 43 -47.75 -25.95 -29.58
CA CYS B 43 -46.44 -25.42 -29.76
C CYS B 43 -46.34 -24.07 -29.10
N ALA B 44 -45.11 -23.59 -28.91
CA ALA B 44 -44.89 -22.24 -28.43
C ALA B 44 -43.59 -21.70 -29.03
N GLU B 45 -43.68 -20.72 -29.91
CA GLU B 45 -42.47 -20.13 -30.51
C GLU B 45 -41.92 -19.02 -29.69
N ILE B 46 -40.67 -18.69 -29.92
CA ILE B 46 -40.13 -17.45 -29.42
C ILE B 46 -40.08 -16.44 -30.59
N LEU B 47 -41.05 -15.53 -30.63
CA LEU B 47 -41.15 -14.58 -31.75
C LEU B 47 -40.15 -13.43 -31.62
N GLU B 48 -39.65 -13.21 -30.43
CA GLU B 48 -38.41 -12.45 -30.23
C GLU B 48 -38.03 -12.64 -28.78
N GLY B 49 -36.78 -12.34 -28.46
CA GLY B 49 -36.24 -12.52 -27.11
C GLY B 49 -35.53 -13.86 -26.88
N ASP B 50 -34.74 -13.90 -25.81
CA ASP B 50 -34.01 -15.10 -25.42
C ASP B 50 -34.77 -15.93 -24.37
N GLY B 51 -36.05 -15.64 -24.17
CA GLY B 51 -36.84 -16.30 -23.12
C GLY B 51 -36.76 -15.53 -21.82
N GLY B 52 -35.82 -14.59 -21.73
CA GLY B 52 -35.70 -13.69 -20.59
C GLY B 52 -36.68 -12.54 -20.69
N PRO B 53 -36.52 -11.50 -19.87
CA PRO B 53 -37.42 -10.37 -20.03
C PRO B 53 -37.52 -9.87 -21.46
N GLY B 54 -38.73 -9.52 -21.87
CA GLY B 54 -38.97 -9.00 -23.22
C GLY B 54 -39.49 -10.02 -24.21
N THR B 55 -39.13 -11.28 -24.02
CA THR B 55 -39.51 -12.31 -24.97
C THR B 55 -41.00 -12.31 -25.19
N ILE B 56 -41.38 -12.44 -26.46
CA ILE B 56 -42.76 -12.63 -26.81
C ILE B 56 -42.83 -14.08 -27.20
N LYS B 57 -43.79 -14.80 -26.65
CA LYS B 57 -44.06 -16.17 -27.03
C LYS B 57 -45.43 -16.20 -27.62
N LYS B 58 -45.60 -17.01 -28.65
CA LYS B 58 -46.93 -17.32 -29.12
C LYS B 58 -47.18 -18.75 -28.75
N ILE B 59 -48.29 -18.95 -28.05
CA ILE B 59 -48.69 -20.27 -27.66
C ILE B 59 -49.95 -20.56 -28.42
N THR B 60 -50.10 -21.82 -28.79
CA THR B 60 -51.02 -22.28 -29.79
C THR B 60 -51.68 -23.50 -29.24
N PHE B 61 -52.99 -23.65 -29.41
CA PHE B 61 -53.65 -24.77 -28.72
C PHE B 61 -54.78 -25.50 -29.45
N GLY B 62 -55.35 -26.49 -28.77
CA GLY B 62 -56.15 -27.52 -29.41
C GLY B 62 -57.64 -27.55 -29.12
N GLU B 63 -58.35 -28.52 -29.70
CA GLU B 63 -57.74 -29.64 -30.50
C GLU B 63 -57.22 -29.30 -31.91
N GLY B 64 -57.46 -28.08 -32.36
CA GLY B 64 -57.26 -27.75 -33.77
C GLY B 64 -58.62 -27.72 -34.49
N SER B 65 -59.60 -28.39 -33.88
CA SER B 65 -61.01 -28.22 -34.25
C SER B 65 -61.37 -26.73 -34.03
N HIS B 66 -61.02 -26.27 -32.85
CA HIS B 66 -61.16 -24.87 -32.48
C HIS B 66 -59.79 -24.32 -32.05
N TYR B 67 -58.90 -24.26 -33.05
CA TYR B 67 -57.54 -23.75 -32.86
C TYR B 67 -57.59 -22.35 -32.26
N GLY B 68 -56.94 -22.19 -31.12
CA GLY B 68 -56.75 -20.88 -30.54
C GLY B 68 -55.28 -20.58 -30.36
N TYR B 69 -54.91 -19.31 -30.47
CA TYR B 69 -53.57 -18.85 -30.14
C TYR B 69 -53.61 -17.67 -29.15
N VAL B 70 -52.54 -17.45 -28.37
CA VAL B 70 -52.39 -16.24 -27.54
C VAL B 70 -50.95 -15.73 -27.56
N LYS B 71 -50.75 -14.46 -27.28
CA LYS B 71 -49.39 -13.97 -27.26
C LYS B 71 -49.03 -13.51 -25.86
N HIS B 72 -47.87 -13.91 -25.38
CA HIS B 72 -47.49 -13.66 -23.99
C HIS B 72 -46.26 -12.76 -23.96
N LYS B 73 -46.15 -11.86 -23.00
CA LYS B 73 -44.91 -11.09 -22.86
C LYS B 73 -44.29 -11.30 -21.49
N ILE B 74 -43.01 -11.62 -21.47
CA ILE B 74 -42.39 -11.99 -20.23
C ILE B 74 -41.69 -10.77 -19.64
N HIS B 75 -42.07 -10.40 -18.42
CA HIS B 75 -41.48 -9.24 -17.78
C HIS B 75 -40.35 -9.64 -16.83
N SER B 76 -40.62 -10.60 -15.95
CA SER B 76 -39.59 -11.07 -15.06
C SER B 76 -39.64 -12.60 -15.01
N ILE B 77 -38.48 -13.21 -14.82
CA ILE B 77 -38.39 -14.56 -14.31
C ILE B 77 -37.41 -14.52 -13.15
N ASP B 78 -37.90 -14.45 -11.92
CA ASP B 78 -37.01 -14.43 -10.78
C ASP B 78 -36.88 -15.83 -10.19
N LYS B 79 -35.70 -16.43 -10.38
CA LYS B 79 -35.48 -17.81 -10.00
C LYS B 79 -35.35 -17.92 -8.53
N VAL B 80 -34.67 -16.98 -7.91
CA VAL B 80 -34.37 -17.14 -6.51
C VAL B 80 -35.67 -17.17 -5.70
N ASN B 81 -36.49 -16.13 -5.83
CA ASN B 81 -37.79 -16.06 -5.13
C ASN B 81 -38.81 -17.02 -5.69
N HIS B 82 -38.52 -17.61 -6.85
CA HIS B 82 -39.46 -18.50 -7.53
C HIS B 82 -40.70 -17.74 -7.96
N THR B 83 -40.48 -16.68 -8.73
CA THR B 83 -41.60 -15.89 -9.22
C THR B 83 -41.40 -15.49 -10.66
N TYR B 84 -42.44 -15.62 -11.48
CA TYR B 84 -42.42 -14.94 -12.75
C TYR B 84 -43.71 -14.19 -13.02
N SER B 85 -43.62 -13.19 -13.87
CA SER B 85 -44.78 -12.48 -14.32
C SER B 85 -44.76 -12.31 -15.84
N TYR B 86 -45.95 -12.34 -16.40
CA TYR B 86 -46.10 -12.10 -17.80
C TYR B 86 -47.42 -11.39 -18.11
N SER B 87 -47.51 -10.87 -19.33
CA SER B 87 -48.66 -10.12 -19.82
C SER B 87 -49.30 -10.83 -21.04
N LEU B 88 -50.51 -11.36 -20.91
CA LEU B 88 -51.26 -11.76 -22.11
C LEU B 88 -51.49 -10.51 -22.99
N ILE B 89 -51.05 -10.51 -24.25
CA ILE B 89 -51.18 -9.29 -25.11
C ILE B 89 -51.91 -9.44 -26.47
N GLU B 90 -52.24 -10.66 -26.87
CA GLU B 90 -53.24 -10.92 -27.92
C GLU B 90 -53.99 -12.16 -27.48
N GLY B 91 -55.30 -12.21 -27.64
CA GLY B 91 -56.08 -13.38 -27.19
C GLY B 91 -57.59 -13.21 -27.02
N ASP B 92 -58.29 -14.32 -26.88
CA ASP B 92 -59.76 -14.29 -26.81
C ASP B 92 -60.30 -14.06 -25.39
N ALA B 93 -59.44 -13.58 -24.50
CA ALA B 93 -59.86 -13.06 -23.19
C ALA B 93 -59.58 -11.55 -23.10
N LEU B 94 -58.69 -11.09 -23.98
CA LEU B 94 -58.62 -9.68 -24.31
C LEU B 94 -59.93 -9.26 -24.93
N SER B 95 -60.08 -7.95 -25.11
CA SER B 95 -61.38 -7.34 -25.29
C SER B 95 -61.09 -5.91 -25.70
N GLU B 96 -62.16 -5.13 -25.83
CA GLU B 96 -62.05 -3.71 -26.13
C GLU B 96 -61.99 -2.98 -24.79
N ASN B 97 -62.76 -3.48 -23.81
CA ASN B 97 -62.80 -2.94 -22.44
C ASN B 97 -61.64 -3.40 -21.55
N ILE B 98 -61.08 -4.57 -21.89
CA ILE B 98 -59.89 -5.15 -21.27
C ILE B 98 -58.82 -5.17 -22.34
N GLU B 99 -57.65 -4.59 -22.12
CA GLU B 99 -56.67 -4.62 -23.21
C GLU B 99 -55.34 -5.28 -22.93
N LYS B 100 -55.16 -5.78 -21.73
CA LYS B 100 -53.94 -6.47 -21.35
C LYS B 100 -54.21 -7.07 -20.02
N ILE B 101 -53.60 -8.22 -19.77
CA ILE B 101 -53.72 -8.85 -18.48
C ILE B 101 -52.33 -9.18 -18.09
N ASP B 102 -51.92 -8.66 -16.96
CA ASP B 102 -50.68 -9.04 -16.34
C ASP B 102 -51.00 -10.14 -15.37
N TYR B 103 -50.16 -11.18 -15.36
CA TYR B 103 -50.24 -12.27 -14.38
C TYR B 103 -48.96 -12.29 -13.61
N GLU B 104 -49.05 -12.33 -12.28
CA GLU B 104 -47.87 -12.60 -11.44
C GLU B 104 -48.09 -13.86 -10.62
N THR B 105 -47.13 -14.78 -10.72
CA THR B 105 -47.22 -16.09 -10.10
C THR B 105 -46.08 -16.35 -9.09
N LYS B 106 -46.46 -16.77 -7.90
CA LYS B 106 -45.55 -16.95 -6.80
C LYS B 106 -45.73 -18.33 -6.22
N LEU B 107 -44.64 -19.10 -6.24
CA LEU B 107 -44.57 -20.39 -5.59
C LEU B 107 -43.94 -20.13 -4.21
N VAL B 108 -44.83 -19.90 -3.27
CA VAL B 108 -44.53 -19.74 -1.88
C VAL B 108 -44.51 -21.12 -1.29
N SER B 109 -43.67 -21.30 -0.27
CA SER B 109 -43.47 -22.57 0.40
C SER B 109 -44.50 -22.75 1.50
N ALA B 110 -45.12 -23.92 1.55
CA ALA B 110 -46.30 -24.19 2.40
C ALA B 110 -45.95 -24.67 3.83
N PRO B 111 -46.94 -24.66 4.76
CA PRO B 111 -46.51 -24.85 6.15
C PRO B 111 -45.86 -26.22 6.37
N HIS B 112 -46.50 -27.27 5.82
CA HIS B 112 -45.99 -28.64 5.90
C HIS B 112 -45.89 -29.25 4.48
N GLY B 113 -44.68 -29.42 3.97
CA GLY B 113 -44.40 -30.20 2.75
C GLY B 113 -44.58 -29.60 1.34
N GLY B 114 -45.31 -28.50 1.24
CA GLY B 114 -45.95 -28.18 -0.04
C GLY B 114 -45.50 -26.94 -0.79
N THR B 115 -46.38 -26.54 -1.69
CA THR B 115 -46.28 -25.29 -2.37
C THR B 115 -47.67 -24.68 -2.37
N ILE B 116 -47.75 -23.37 -2.20
CA ILE B 116 -48.97 -22.64 -2.52
C ILE B 116 -48.69 -21.77 -3.72
N ILE B 117 -49.54 -21.91 -4.74
CA ILE B 117 -49.37 -21.18 -5.97
C ILE B 117 -50.28 -19.99 -5.93
N LYS B 118 -49.68 -18.80 -5.84
CA LYS B 118 -50.44 -17.57 -5.81
C LYS B 118 -50.32 -16.87 -7.13
N THR B 119 -51.43 -16.73 -7.84
CA THR B 119 -51.44 -15.98 -9.05
C THR B 119 -52.34 -14.78 -8.80
N THR B 120 -51.84 -13.62 -9.24
CA THR B 120 -52.55 -12.34 -9.20
C THR B 120 -52.82 -11.92 -10.63
N SER B 121 -54.07 -11.83 -11.02
CA SER B 121 -54.40 -11.40 -12.40
C SER B 121 -54.64 -9.91 -12.36
N LYS B 122 -54.02 -9.14 -13.25
CA LYS B 122 -54.21 -7.68 -13.28
C LYS B 122 -54.76 -7.12 -14.61
N TYR B 123 -56.08 -7.06 -14.72
CA TYR B 123 -56.76 -6.61 -15.94
C TYR B 123 -56.65 -5.09 -16.15
N HIS B 124 -56.14 -4.67 -17.29
CA HIS B 124 -56.06 -3.25 -17.60
C HIS B 124 -57.27 -2.87 -18.34
N THR B 125 -58.07 -2.05 -17.67
CA THR B 125 -59.38 -1.71 -18.14
C THR B 125 -59.26 -0.41 -18.85
N LYS B 126 -59.93 -0.34 -20.00
CA LYS B 126 -60.07 0.90 -20.75
C LYS B 126 -61.57 1.15 -20.76
N GLY B 127 -61.99 2.30 -20.25
CA GLY B 127 -63.41 2.65 -20.19
C GLY B 127 -64.20 1.92 -19.12
N ASP B 128 -65.44 1.53 -19.44
CA ASP B 128 -66.30 0.93 -18.43
C ASP B 128 -65.60 -0.32 -17.99
N VAL B 129 -65.78 -0.72 -16.74
CA VAL B 129 -65.26 -2.00 -16.28
C VAL B 129 -66.37 -3.02 -16.32
N GLU B 130 -66.45 -3.74 -17.45
CA GLU B 130 -67.20 -4.99 -17.50
C GLU B 130 -66.15 -6.11 -17.32
N ILE B 131 -66.32 -6.89 -16.25
CA ILE B 131 -65.51 -8.08 -15.97
C ILE B 131 -66.37 -9.17 -15.37
N LYS B 132 -66.19 -10.39 -15.81
CA LYS B 132 -67.22 -11.38 -15.68
C LYS B 132 -66.81 -12.48 -14.74
N GLU B 133 -67.64 -12.77 -13.76
CA GLU B 133 -67.34 -13.83 -12.78
C GLU B 133 -67.11 -15.14 -13.51
N GLU B 134 -67.87 -15.41 -14.58
CA GLU B 134 -67.78 -16.69 -15.28
C GLU B 134 -66.43 -16.82 -15.99
N HIS B 135 -66.04 -15.79 -16.75
CA HIS B 135 -64.75 -15.78 -17.45
C HIS B 135 -63.55 -15.99 -16.48
N VAL B 136 -63.49 -15.20 -15.42
CA VAL B 136 -62.45 -15.32 -14.45
C VAL B 136 -62.43 -16.74 -13.87
N LYS B 137 -63.59 -17.28 -13.54
CA LYS B 137 -63.65 -18.65 -13.01
C LYS B 137 -63.09 -19.74 -13.96
N ALA B 138 -63.41 -19.66 -15.25
CA ALA B 138 -62.89 -20.63 -16.21
C ALA B 138 -61.38 -20.61 -16.26
N GLY B 139 -60.80 -19.44 -16.42
CA GLY B 139 -59.35 -19.29 -16.38
C GLY B 139 -58.80 -19.99 -15.17
N LYS B 140 -59.54 -19.89 -14.08
CA LYS B 140 -59.10 -20.48 -12.82
C LYS B 140 -59.03 -22.02 -12.83
N GLU B 141 -60.16 -22.63 -13.16
CA GLU B 141 -60.24 -24.06 -13.37
C GLU B 141 -59.20 -24.51 -14.38
N LYS B 142 -59.04 -23.78 -15.49
CA LYS B 142 -58.11 -24.18 -16.57
C LYS B 142 -56.73 -24.36 -16.00
N ALA B 143 -56.28 -23.36 -15.26
CA ALA B 143 -55.00 -23.44 -14.58
C ALA B 143 -54.94 -24.60 -13.58
N ALA B 144 -55.96 -24.69 -12.72
CA ALA B 144 -55.96 -25.68 -11.65
C ALA B 144 -55.75 -27.09 -12.18
N HIS B 145 -56.39 -27.36 -13.28
CA HIS B 145 -56.32 -28.66 -13.91
C HIS B 145 -54.94 -28.81 -14.46
N LEU B 146 -54.49 -27.84 -15.23
CA LEU B 146 -53.14 -27.91 -15.77
C LEU B 146 -52.12 -28.24 -14.70
N PHE B 147 -52.26 -27.70 -13.49
CA PHE B 147 -51.33 -28.03 -12.39
C PHE B 147 -51.56 -29.43 -11.85
N LYS B 148 -52.80 -29.93 -11.88
CA LYS B 148 -53.03 -31.33 -11.48
C LYS B 148 -52.26 -32.28 -12.35
N LEU B 149 -52.20 -31.95 -13.63
CA LEU B 149 -51.47 -32.75 -14.59
C LEU B 149 -50.00 -32.72 -14.36
N ILE B 150 -49.46 -31.53 -14.17
CA ILE B 150 -48.05 -31.37 -13.82
C ILE B 150 -47.69 -32.18 -12.57
N GLU B 151 -48.50 -32.16 -11.53
CA GLU B 151 -48.21 -32.97 -10.36
C GLU B 151 -48.00 -34.41 -10.76
N GLY B 152 -48.92 -34.88 -11.60
CA GLY B 152 -48.96 -36.27 -12.00
C GLY B 152 -47.65 -36.57 -12.63
N TYR B 153 -47.31 -35.87 -13.68
CA TYR B 153 -46.06 -36.13 -14.40
C TYR B 153 -44.90 -36.18 -13.44
N LEU B 154 -44.80 -35.16 -12.62
CA LEU B 154 -43.69 -35.03 -11.72
C LEU B 154 -43.64 -36.17 -10.73
N LYS B 155 -44.78 -36.51 -10.14
CA LYS B 155 -44.86 -37.69 -9.26
C LYS B 155 -44.40 -38.98 -9.94
N ASP B 156 -44.67 -39.11 -11.23
CA ASP B 156 -44.23 -40.27 -12.00
C ASP B 156 -42.78 -40.18 -12.42
N HIS B 157 -42.20 -38.99 -12.43
CA HIS B 157 -40.82 -38.85 -12.83
C HIS B 157 -40.07 -38.15 -11.74
N PRO B 158 -40.06 -38.72 -10.53
CA PRO B 158 -39.60 -37.93 -9.38
C PRO B 158 -38.14 -37.49 -9.46
N SER B 159 -37.48 -37.85 -10.55
CA SER B 159 -36.04 -37.59 -10.79
C SER B 159 -35.77 -36.30 -11.55
N GLU B 160 -36.81 -35.81 -12.22
CA GLU B 160 -36.69 -34.68 -13.10
C GLU B 160 -36.91 -33.43 -12.27
N TYR B 161 -36.20 -32.37 -12.66
CA TYR B 161 -36.41 -31.06 -12.09
C TYR B 161 -36.01 -30.99 -10.64
N ASN B 162 -35.07 -31.85 -10.30
CA ASN B 162 -34.39 -31.80 -9.02
C ASN B 162 -33.29 -30.75 -9.08
N ALA C 1 3.91 -14.95 -45.82
CA ALA C 1 5.11 -15.35 -45.02
C ALA C 1 5.83 -14.13 -44.48
N MET C 2 5.04 -13.11 -44.12
CA MET C 2 5.56 -11.76 -43.77
C MET C 2 6.08 -11.66 -42.34
N ALA C 3 7.40 -11.61 -42.20
CA ALA C 3 8.03 -11.47 -40.90
C ALA C 3 7.97 -10.03 -40.39
N GLY C 4 7.42 -9.84 -39.20
CA GLY C 4 7.49 -8.56 -38.52
C GLY C 4 7.89 -8.76 -37.07
N VAL C 5 7.94 -7.67 -36.32
CA VAL C 5 7.96 -7.73 -34.87
C VAL C 5 7.08 -6.64 -34.31
N TYR C 6 6.06 -7.03 -33.56
CA TYR C 6 5.26 -6.06 -32.79
C TYR C 6 5.91 -5.81 -31.39
N THR C 7 6.00 -4.52 -30.99
CA THR C 7 6.70 -4.13 -29.73
C THR C 7 5.88 -3.33 -28.77
N TYR C 8 5.65 -3.93 -27.61
CA TYR C 8 4.89 -3.31 -26.56
C TYR C 8 5.77 -3.21 -25.32
N GLU C 9 5.74 -2.06 -24.66
CA GLU C 9 6.48 -1.87 -23.40
C GLU C 9 5.60 -1.22 -22.30
N ASN C 10 5.74 -1.68 -21.07
CA ASN C 10 5.12 -1.01 -19.88
C ASN C 10 6.11 -0.86 -18.73
N GLU C 11 5.85 0.10 -17.84
CA GLU C 11 6.61 0.21 -16.59
C GLU C 11 5.68 0.08 -15.37
N PHE C 12 6.11 -0.75 -14.43
CA PHE C 12 5.57 -0.78 -13.07
C PHE C 12 6.58 -0.07 -12.20
N THR C 13 6.20 0.23 -10.97
CA THR C 13 7.11 0.91 -10.06
C THR C 13 6.97 0.34 -8.67
N SER C 14 8.09 0.02 -8.06
CA SER C 14 8.12 -0.61 -6.75
C SER C 14 8.85 0.30 -5.75
N ASP C 15 8.52 0.13 -4.48
CA ASP C 15 9.18 0.86 -3.40
C ASP C 15 10.44 0.14 -2.93
N ILE C 16 10.57 -1.13 -3.28
CA ILE C 16 11.77 -1.90 -3.01
C ILE C 16 12.93 -1.41 -3.89
N PRO C 17 14.17 -1.37 -3.36
CA PRO C 17 15.34 -1.12 -4.22
C PRO C 17 15.60 -2.19 -5.29
N ALA C 18 16.34 -1.84 -6.34
CA ALA C 18 16.50 -2.74 -7.48
C ALA C 18 17.33 -3.96 -7.22
N PRO C 19 18.36 -3.86 -6.38
CA PRO C 19 19.17 -5.07 -6.19
C PRO C 19 18.47 -6.18 -5.41
N LYS C 20 17.69 -5.80 -4.41
CA LYS C 20 16.89 -6.72 -3.60
C LYS C 20 15.88 -7.38 -4.54
N LEU C 21 15.34 -6.58 -5.44
CA LEU C 21 14.22 -7.00 -6.27
C LEU C 21 14.71 -8.02 -7.26
N PHE C 22 15.90 -7.74 -7.77
CA PHE C 22 16.55 -8.58 -8.77
C PHE C 22 16.97 -9.89 -8.13
N LYS C 23 17.46 -9.78 -6.90
CA LYS C 23 17.78 -10.96 -6.17
C LYS C 23 16.53 -11.79 -5.93
N ALA C 24 15.40 -11.12 -5.74
CA ALA C 24 14.19 -11.86 -5.43
C ALA C 24 13.48 -12.37 -6.66
N PHE C 25 12.94 -11.48 -7.52
CA PHE C 25 12.13 -11.91 -8.68
C PHE C 25 12.95 -12.71 -9.70
N VAL C 26 14.14 -12.20 -10.01
CA VAL C 26 14.92 -12.70 -11.15
C VAL C 26 15.72 -13.94 -10.73
N LEU C 27 16.44 -13.88 -9.64
CA LEU C 27 17.34 -14.97 -9.29
C LEU C 27 16.76 -16.03 -8.34
N ASP C 28 15.54 -15.83 -7.83
CA ASP C 28 14.96 -16.79 -6.89
C ASP C 28 13.50 -17.11 -7.13
N ALA C 29 13.00 -16.83 -8.32
CA ALA C 29 11.58 -16.98 -8.64
C ALA C 29 11.05 -18.34 -8.30
N ASP C 30 11.78 -19.37 -8.73
CA ASP C 30 11.38 -20.75 -8.51
C ASP C 30 11.15 -21.07 -7.04
N ASN C 31 11.77 -20.31 -6.15
CA ASN C 31 11.71 -20.56 -4.71
C ASN C 31 10.82 -19.53 -3.97
N LEU C 32 10.64 -18.36 -4.56
CA LEU C 32 9.78 -17.34 -3.97
C LEU C 32 8.29 -17.48 -4.30
N ILE C 33 7.94 -17.80 -5.54
CA ILE C 33 6.54 -17.81 -5.88
C ILE C 33 5.74 -18.72 -4.92
N PRO C 34 6.22 -19.95 -4.65
CA PRO C 34 5.51 -20.77 -3.67
C PRO C 34 5.25 -20.05 -2.38
N LYS C 35 6.22 -19.27 -1.92
CA LYS C 35 6.06 -18.50 -0.68
C LYS C 35 5.01 -17.39 -0.74
N ILE C 36 4.77 -16.81 -1.91
CA ILE C 36 3.92 -15.62 -2.00
C ILE C 36 2.57 -15.91 -2.63
N ALA C 37 2.53 -16.95 -3.45
CA ALA C 37 1.35 -17.27 -4.23
C ALA C 37 1.17 -18.79 -4.25
N PRO C 38 0.62 -19.36 -3.16
CA PRO C 38 0.56 -20.81 -3.10
C PRO C 38 -0.29 -21.40 -4.21
N GLN C 39 0.09 -22.57 -4.69
CA GLN C 39 -0.59 -23.28 -5.79
C GLN C 39 -0.68 -22.53 -7.12
N ALA C 40 -0.04 -21.38 -7.20
CA ALA C 40 -0.02 -20.61 -8.44
C ALA C 40 0.70 -21.42 -9.51
N VAL C 41 1.73 -22.16 -9.12
CA VAL C 41 2.52 -22.92 -10.07
C VAL C 41 2.68 -24.40 -9.67
N LYS C 42 2.21 -25.29 -10.53
CA LYS C 42 2.16 -26.69 -10.26
C LYS C 42 3.58 -27.20 -10.18
N CYS C 43 4.35 -26.96 -11.23
CA CYS C 43 5.74 -27.40 -11.29
C CYS C 43 6.53 -26.42 -12.11
N ALA C 44 7.80 -26.27 -11.77
CA ALA C 44 8.71 -25.41 -12.53
C ALA C 44 9.97 -26.21 -12.67
N GLU C 45 10.43 -26.39 -13.90
CA GLU C 45 11.40 -27.44 -14.21
C GLU C 45 12.46 -27.05 -15.25
N ILE C 46 13.72 -27.18 -14.90
CA ILE C 46 14.78 -26.84 -15.84
C ILE C 46 15.07 -28.03 -16.74
N LEU C 47 14.44 -28.05 -17.92
CA LEU C 47 14.65 -29.10 -18.93
C LEU C 47 16.08 -29.12 -19.44
N GLU C 48 16.67 -27.93 -19.64
CA GLU C 48 17.95 -27.81 -20.32
C GLU C 48 18.81 -26.70 -19.78
N GLY C 49 20.07 -26.98 -19.48
CA GLY C 49 21.02 -25.93 -19.17
C GLY C 49 21.11 -25.62 -17.69
N ASP C 50 21.94 -24.62 -17.41
CA ASP C 50 22.34 -24.16 -16.06
C ASP C 50 21.21 -23.55 -15.20
N GLY C 51 20.49 -22.59 -15.79
CA GLY C 51 19.78 -21.52 -15.07
C GLY C 51 20.31 -20.16 -15.55
N GLY C 52 21.50 -20.17 -16.17
CA GLY C 52 22.08 -18.98 -16.81
C GLY C 52 21.72 -18.97 -18.28
N PRO C 53 22.47 -18.19 -19.10
CA PRO C 53 22.15 -18.09 -20.53
C PRO C 53 22.16 -19.41 -21.30
N GLY C 54 21.06 -19.70 -21.97
CA GLY C 54 20.89 -20.94 -22.72
C GLY C 54 19.98 -21.94 -22.04
N THR C 55 19.65 -21.70 -20.78
CA THR C 55 18.79 -22.59 -20.04
C THR C 55 17.40 -22.68 -20.68
N ILE C 56 16.74 -23.81 -20.46
CA ILE C 56 15.32 -23.88 -20.74
C ILE C 56 14.54 -24.37 -19.53
N LYS C 57 13.60 -23.53 -19.11
CA LYS C 57 12.68 -23.84 -18.03
C LYS C 57 11.29 -23.99 -18.61
N LYS C 58 10.59 -25.02 -18.15
CA LYS C 58 9.16 -25.17 -18.39
C LYS C 58 8.48 -24.84 -17.08
N ILE C 59 7.43 -24.03 -17.16
CA ILE C 59 6.69 -23.63 -15.97
C ILE C 59 5.27 -24.04 -16.22
N THR C 60 4.70 -24.83 -15.31
CA THR C 60 3.33 -25.34 -15.47
C THR C 60 2.40 -24.84 -14.36
N PHE C 61 1.35 -24.11 -14.75
CA PHE C 61 0.51 -23.38 -13.81
C PHE C 61 -0.68 -24.19 -13.34
N GLY C 62 -1.28 -23.73 -12.24
CA GLY C 62 -2.51 -24.32 -11.70
C GLY C 62 -3.73 -23.81 -12.41
N GLU C 63 -4.89 -24.21 -11.89
CA GLU C 63 -6.20 -23.94 -12.51
C GLU C 63 -6.47 -22.46 -12.75
N GLY C 64 -6.06 -21.64 -11.81
CA GLY C 64 -6.38 -20.22 -11.82
C GLY C 64 -5.39 -19.36 -12.55
N SER C 65 -5.10 -19.74 -13.79
CA SER C 65 -4.25 -18.97 -14.70
C SER C 65 -4.82 -19.23 -16.07
N HIS C 66 -4.83 -18.22 -16.94
CA HIS C 66 -5.38 -18.41 -18.27
C HIS C 66 -4.72 -19.53 -19.09
N TYR C 67 -3.39 -19.61 -18.99
CA TYR C 67 -2.60 -20.55 -19.77
C TYR C 67 -2.01 -21.64 -18.89
N GLY C 68 -2.15 -22.89 -19.35
CA GLY C 68 -1.77 -24.09 -18.58
C GLY C 68 -0.29 -24.15 -18.25
N TYR C 69 0.55 -23.96 -19.28
CA TYR C 69 2.03 -23.94 -19.17
C TYR C 69 2.66 -22.97 -20.18
N VAL C 70 3.97 -22.76 -20.01
CA VAL C 70 4.82 -22.05 -20.98
C VAL C 70 6.26 -22.51 -20.85
N LYS C 71 7.08 -22.22 -21.87
CA LYS C 71 8.51 -22.57 -21.91
C LYS C 71 9.35 -21.34 -22.22
N HIS C 72 10.46 -21.14 -21.48
CA HIS C 72 11.34 -19.98 -21.71
C HIS C 72 12.77 -20.34 -22.05
N LYS C 73 13.37 -19.64 -23.03
CA LYS C 73 14.84 -19.67 -23.25
C LYS C 73 15.37 -18.41 -22.65
N ILE C 74 16.54 -18.51 -22.03
CA ILE C 74 17.13 -17.40 -21.32
C ILE C 74 18.33 -16.88 -22.07
N HIS C 75 18.16 -15.72 -22.71
CA HIS C 75 19.24 -15.13 -23.48
C HIS C 75 20.29 -14.60 -22.52
N SER C 76 19.92 -13.62 -21.68
CA SER C 76 20.93 -12.97 -20.82
C SER C 76 20.49 -12.65 -19.37
N ILE C 77 21.44 -12.73 -18.43
CA ILE C 77 21.18 -12.33 -17.03
C ILE C 77 22.32 -11.47 -16.49
N ASP C 78 22.16 -10.14 -16.57
CA ASP C 78 23.22 -9.20 -16.21
C ASP C 78 23.00 -8.76 -14.81
N LYS C 79 23.68 -9.42 -13.88
CA LYS C 79 23.52 -9.08 -12.50
C LYS C 79 23.89 -7.63 -12.27
N VAL C 80 25.03 -7.20 -12.80
CA VAL C 80 25.58 -5.91 -12.40
C VAL C 80 24.66 -4.79 -12.85
N ASN C 81 24.06 -4.96 -14.01
CA ASN C 81 23.21 -3.91 -14.58
C ASN C 81 21.78 -4.09 -14.16
N HIS C 82 21.53 -5.22 -13.47
CA HIS C 82 20.19 -5.66 -13.13
C HIS C 82 19.28 -5.80 -14.33
N THR C 83 19.85 -6.14 -15.47
CA THR C 83 19.06 -6.44 -16.66
C THR C 83 18.85 -7.95 -16.71
N TYR C 84 17.93 -8.36 -17.55
CA TYR C 84 17.45 -9.72 -17.56
C TYR C 84 16.71 -9.94 -18.88
N SER C 85 16.98 -11.01 -19.59
CA SER C 85 16.18 -11.23 -20.79
C SER C 85 15.90 -12.68 -21.07
N TYR C 86 14.74 -12.95 -21.67
CA TYR C 86 14.32 -14.31 -21.97
C TYR C 86 13.22 -14.38 -23.02
N SER C 87 13.18 -15.48 -23.77
CA SER C 87 12.14 -15.69 -24.77
C SER C 87 11.10 -16.70 -24.31
N LEU C 88 9.86 -16.41 -24.68
CA LEU C 88 8.76 -17.37 -24.52
C LEU C 88 8.68 -18.18 -25.80
N ILE C 89 9.31 -19.35 -25.79
CA ILE C 89 9.44 -20.15 -27.02
C ILE C 89 8.21 -21.01 -27.34
N GLU C 90 7.52 -21.51 -26.32
CA GLU C 90 6.51 -22.52 -26.50
C GLU C 90 5.52 -22.44 -25.37
N GLY C 91 4.26 -22.23 -25.72
CA GLY C 91 3.20 -22.07 -24.75
C GLY C 91 1.91 -21.79 -25.48
N ASP C 92 0.95 -21.21 -24.79
CA ASP C 92 -0.39 -21.07 -25.36
C ASP C 92 -0.62 -19.68 -25.90
N ALA C 93 0.30 -18.76 -25.66
CA ALA C 93 0.15 -17.39 -26.15
C ALA C 93 0.51 -17.34 -27.62
N LEU C 94 1.28 -18.32 -28.05
CA LEU C 94 1.84 -18.34 -29.38
C LEU C 94 0.86 -18.96 -30.38
N SER C 95 0.56 -18.25 -31.45
CA SER C 95 -0.14 -18.88 -32.58
C SER C 95 0.85 -19.24 -33.68
N GLU C 96 0.30 -19.69 -34.80
CA GLU C 96 1.04 -19.79 -36.07
C GLU C 96 1.50 -18.39 -36.50
N ASN C 97 0.72 -17.40 -36.05
CA ASN C 97 0.87 -15.97 -36.34
C ASN C 97 1.61 -15.15 -35.26
N ILE C 98 1.92 -15.79 -34.13
CA ILE C 98 2.85 -15.26 -33.16
C ILE C 98 3.88 -16.34 -32.86
N GLU C 99 5.00 -16.31 -33.56
CA GLU C 99 5.94 -17.42 -33.48
C GLU C 99 6.65 -17.50 -32.14
N LYS C 100 6.91 -16.34 -31.55
CA LYS C 100 7.51 -16.25 -30.22
C LYS C 100 7.47 -14.82 -29.68
N ILE C 101 7.81 -14.69 -28.40
CA ILE C 101 7.83 -13.41 -27.72
C ILE C 101 9.16 -13.33 -26.98
N ASP C 102 9.81 -12.19 -27.14
CA ASP C 102 11.06 -11.95 -26.45
C ASP C 102 10.80 -10.93 -25.37
N TYR C 103 11.32 -11.19 -24.17
CA TYR C 103 11.17 -10.29 -23.03
C TYR C 103 12.54 -9.79 -22.54
N GLU C 104 12.65 -8.47 -22.38
CA GLU C 104 13.84 -7.83 -21.83
C GLU C 104 13.33 -6.95 -20.72
N THR C 105 13.74 -7.24 -19.48
CA THR C 105 13.33 -6.47 -18.29
C THR C 105 14.54 -5.77 -17.67
N LYS C 106 14.40 -4.49 -17.37
CA LYS C 106 15.48 -3.70 -16.75
C LYS C 106 15.00 -3.14 -15.44
N LEU C 107 15.82 -3.24 -14.40
CA LEU C 107 15.50 -2.64 -13.11
C LEU C 107 16.33 -1.39 -12.92
N VAL C 108 15.66 -0.26 -13.12
CA VAL C 108 16.23 1.09 -13.03
C VAL C 108 15.82 1.69 -11.70
N SER C 109 16.53 2.73 -11.31
CA SER C 109 16.35 3.34 -10.01
C SER C 109 15.50 4.60 -10.10
N ALA C 110 14.74 4.88 -9.03
CA ALA C 110 13.73 5.95 -9.02
C ALA C 110 13.97 6.80 -7.79
N PRO C 111 13.50 8.07 -7.77
CA PRO C 111 13.81 8.97 -6.65
C PRO C 111 12.94 8.72 -5.39
N HIS C 112 13.54 8.36 -4.25
CA HIS C 112 14.90 7.80 -4.14
C HIS C 112 14.70 6.49 -3.34
N GLY C 113 15.67 5.56 -3.42
CA GLY C 113 15.53 4.21 -2.85
C GLY C 113 14.35 3.49 -3.49
N GLY C 114 14.18 3.75 -4.79
CA GLY C 114 13.03 3.30 -5.55
C GLY C 114 13.40 2.47 -6.75
N THR C 115 12.38 1.98 -7.43
CA THR C 115 12.59 1.14 -8.56
C THR C 115 11.48 1.31 -9.57
N ILE C 116 11.87 1.34 -10.83
CA ILE C 116 10.95 1.26 -11.97
C ILE C 116 11.29 0.01 -12.77
N ILE C 117 10.29 -0.86 -12.91
CA ILE C 117 10.50 -2.10 -13.61
C ILE C 117 10.08 -1.82 -15.03
N LYS C 118 10.97 -2.12 -15.98
CA LYS C 118 10.79 -1.76 -17.40
C LYS C 118 10.89 -2.94 -18.32
N THR C 119 9.75 -3.37 -18.85
CA THR C 119 9.74 -4.55 -19.66
C THR C 119 9.18 -4.31 -21.04
N THR C 120 10.00 -4.68 -22.01
CA THR C 120 9.69 -4.52 -23.41
C THR C 120 9.36 -5.90 -23.96
N SER C 121 8.15 -6.00 -24.52
CA SER C 121 7.66 -7.21 -25.18
C SER C 121 7.74 -7.15 -26.70
N LYS C 122 8.44 -8.10 -27.30
CA LYS C 122 8.58 -8.19 -28.75
C LYS C 122 7.94 -9.44 -29.35
N TYR C 123 6.75 -9.29 -29.91
CA TYR C 123 6.07 -10.41 -30.55
C TYR C 123 6.57 -10.62 -31.99
N HIS C 124 7.22 -11.74 -32.27
CA HIS C 124 7.60 -12.07 -33.63
C HIS C 124 6.38 -12.64 -34.34
N THR C 125 6.02 -12.02 -35.46
CA THR C 125 4.73 -12.24 -36.13
C THR C 125 4.88 -12.72 -37.57
N LYS C 126 4.60 -14.00 -37.83
CA LYS C 126 4.51 -14.54 -39.20
C LYS C 126 3.13 -14.23 -39.76
N GLY C 127 3.08 -13.61 -40.94
CA GLY C 127 1.80 -13.37 -41.64
C GLY C 127 1.09 -12.11 -41.20
N ASP C 128 -0.22 -12.02 -41.44
CA ASP C 128 -1.07 -10.91 -40.93
C ASP C 128 -0.82 -10.78 -39.45
N VAL C 129 -1.05 -9.57 -38.94
CA VAL C 129 -0.86 -9.28 -37.53
C VAL C 129 -2.20 -9.00 -36.87
N GLU C 130 -2.66 -9.96 -36.06
CA GLU C 130 -3.83 -9.79 -35.19
C GLU C 130 -3.36 -10.03 -33.76
N ILE C 131 -3.37 -8.97 -32.97
CA ILE C 131 -2.98 -9.06 -31.58
C ILE C 131 -4.05 -8.38 -30.72
N LYS C 132 -4.65 -9.17 -29.83
CA LYS C 132 -5.80 -8.72 -29.07
C LYS C 132 -5.34 -7.87 -27.88
N GLU C 133 -5.84 -6.63 -27.82
CA GLU C 133 -5.60 -5.70 -26.70
C GLU C 133 -5.79 -6.34 -25.32
N GLU C 134 -6.76 -7.25 -25.24
CA GLU C 134 -7.10 -7.96 -24.01
C GLU C 134 -5.95 -8.84 -23.54
N HIS C 135 -5.51 -9.77 -24.38
CA HIS C 135 -4.41 -10.68 -24.00
C HIS C 135 -3.20 -9.91 -23.46
N VAL C 136 -2.82 -8.84 -24.12
CA VAL C 136 -1.70 -8.03 -23.67
C VAL C 136 -2.02 -7.34 -22.34
N LYS C 137 -3.14 -6.61 -22.28
CA LYS C 137 -3.46 -5.81 -21.10
C LYS C 137 -3.66 -6.72 -19.86
N ALA C 138 -4.06 -7.96 -20.13
CA ALA C 138 -4.23 -8.96 -19.08
C ALA C 138 -2.90 -9.51 -18.59
N GLY C 139 -2.01 -9.84 -19.53
CA GLY C 139 -0.66 -10.29 -19.17
C GLY C 139 0.06 -9.27 -18.31
N LYS C 140 -0.21 -7.99 -18.60
CA LYS C 140 0.38 -6.85 -17.90
C LYS C 140 -0.05 -6.80 -16.44
N GLU C 141 -1.36 -6.74 -16.24
CA GLU C 141 -1.92 -6.69 -14.88
C GLU C 141 -1.60 -7.94 -14.04
N LYS C 142 -1.36 -9.08 -14.70
CA LYS C 142 -0.92 -10.29 -14.01
C LYS C 142 0.48 -10.13 -13.43
N ALA C 143 1.39 -9.63 -14.24
CA ALA C 143 2.73 -9.32 -13.76
C ALA C 143 2.70 -8.29 -12.63
N ALA C 144 1.83 -7.26 -12.76
CA ALA C 144 1.65 -6.26 -11.69
C ALA C 144 1.18 -6.92 -10.43
N HIS C 145 0.30 -7.90 -10.55
CA HIS C 145 -0.26 -8.49 -9.37
C HIS C 145 0.81 -9.30 -8.70
N LEU C 146 1.64 -9.94 -9.51
CA LEU C 146 2.80 -10.62 -9.02
C LEU C 146 3.78 -9.67 -8.31
N PHE C 147 4.07 -8.50 -8.87
CA PHE C 147 5.06 -7.61 -8.21
C PHE C 147 4.48 -7.03 -6.91
N LYS C 148 3.18 -6.76 -6.87
CA LYS C 148 2.55 -6.30 -5.63
C LYS C 148 2.81 -7.31 -4.50
N LEU C 149 2.56 -8.58 -4.79
CA LEU C 149 2.79 -9.60 -3.80
C LEU C 149 4.25 -9.55 -3.42
N ILE C 150 5.12 -9.41 -4.41
CA ILE C 150 6.54 -9.46 -4.14
C ILE C 150 6.95 -8.29 -3.30
N GLU C 151 6.45 -7.11 -3.63
CA GLU C 151 6.68 -5.91 -2.80
C GLU C 151 6.36 -6.22 -1.37
N GLY C 152 5.13 -6.69 -1.17
CA GLY C 152 4.55 -6.94 0.14
C GLY C 152 5.39 -7.86 0.98
N TYR C 153 5.78 -8.97 0.37
CA TYR C 153 6.58 -9.97 1.07
C TYR C 153 7.92 -9.40 1.54
N LEU C 154 8.54 -8.63 0.66
CA LEU C 154 9.89 -8.16 0.85
C LEU C 154 9.97 -7.12 1.95
N LYS C 155 8.91 -6.32 2.05
CA LYS C 155 8.70 -5.40 3.16
C LYS C 155 8.53 -6.13 4.49
N ASP C 156 7.72 -7.18 4.51
CA ASP C 156 7.49 -7.97 5.73
C ASP C 156 8.71 -8.77 6.18
N HIS C 157 9.66 -9.03 5.28
CA HIS C 157 10.86 -9.78 5.63
C HIS C 157 12.11 -9.06 5.17
N PRO C 158 12.47 -7.95 5.82
CA PRO C 158 13.61 -7.13 5.35
C PRO C 158 14.99 -7.73 5.61
N SER C 159 15.05 -8.77 6.41
CA SER C 159 16.27 -9.53 6.56
C SER C 159 16.62 -10.23 5.24
N GLU C 160 15.64 -10.50 4.41
CA GLU C 160 15.86 -11.34 3.26
C GLU C 160 16.18 -10.56 1.96
N TYR C 161 17.00 -11.21 1.13
CA TYR C 161 17.47 -10.74 -0.19
C TYR C 161 18.32 -9.50 -0.12
N ASN C 162 18.96 -9.34 1.03
CA ASN C 162 19.85 -8.21 1.29
C ASN C 162 21.27 -8.35 0.69
N ALA D 1 45.37 -12.41 26.36
CA ALA D 1 45.80 -11.42 25.31
C ALA D 1 44.61 -10.75 24.56
N MET D 2 44.54 -9.42 24.61
CA MET D 2 43.37 -8.66 24.13
C MET D 2 43.15 -8.78 22.64
N ALA D 3 41.89 -8.82 22.23
CA ALA D 3 41.53 -8.76 20.81
C ALA D 3 40.35 -7.82 20.63
N GLY D 4 40.55 -6.75 19.89
CA GLY D 4 39.46 -5.84 19.59
C GLY D 4 39.41 -5.65 18.11
N VAL D 5 38.59 -4.70 17.68
CA VAL D 5 38.45 -4.40 16.27
C VAL D 5 38.29 -2.89 16.09
N TYR D 6 39.25 -2.29 15.38
CA TYR D 6 39.23 -0.86 15.08
C TYR D 6 38.64 -0.59 13.71
N THR D 7 37.60 0.23 13.66
CA THR D 7 36.86 0.42 12.43
C THR D 7 37.10 1.83 11.92
N TYR D 8 37.55 1.91 10.68
CA TYR D 8 37.73 3.19 10.02
C TYR D 8 36.84 3.28 8.78
N GLU D 9 35.96 4.26 8.77
CA GLU D 9 34.96 4.41 7.74
C GLU D 9 35.25 5.66 6.93
N ASN D 10 35.53 5.49 5.64
CA ASN D 10 35.85 6.61 4.75
C ASN D 10 35.10 6.50 3.44
N GLU D 11 35.06 7.60 2.68
CA GLU D 11 34.36 7.56 1.40
C GLU D 11 34.70 8.69 0.48
N PHE D 12 34.36 8.51 -0.77
CA PHE D 12 34.56 9.53 -1.79
C PHE D 12 33.78 9.21 -3.04
N THR D 13 33.72 10.17 -3.97
CA THR D 13 32.77 10.06 -5.08
C THR D 13 33.42 9.82 -6.40
N SER D 14 32.58 9.47 -7.35
CA SER D 14 32.93 9.40 -8.76
C SER D 14 31.70 9.72 -9.64
N ASP D 15 31.95 10.34 -10.77
CA ASP D 15 30.85 10.72 -11.66
C ASP D 15 30.59 9.62 -12.70
N ILE D 16 31.36 8.51 -12.62
CA ILE D 16 31.04 7.28 -13.32
C ILE D 16 29.82 6.61 -12.63
N PRO D 17 28.85 6.14 -13.42
CA PRO D 17 27.80 5.29 -12.89
C PRO D 17 28.36 4.04 -12.24
N ALA D 18 27.69 3.58 -11.18
CA ALA D 18 28.29 2.54 -10.30
C ALA D 18 28.48 1.13 -10.92
N PRO D 19 27.59 0.73 -11.84
CA PRO D 19 27.74 -0.56 -12.47
C PRO D 19 28.96 -0.68 -13.35
N LYS D 20 29.14 0.32 -14.18
CA LYS D 20 30.30 0.33 -15.05
C LYS D 20 31.52 0.27 -14.16
N LEU D 21 31.41 0.93 -13.01
CA LEU D 21 32.54 1.07 -12.13
C LEU D 21 32.81 -0.25 -11.46
N PHE D 22 31.76 -0.94 -11.05
CA PHE D 22 31.93 -2.29 -10.49
C PHE D 22 32.59 -3.26 -11.48
N LYS D 23 32.10 -3.24 -12.72
CA LYS D 23 32.62 -4.14 -13.75
C LYS D 23 34.11 -3.96 -14.03
N ALA D 24 34.59 -2.71 -13.98
CA ALA D 24 35.96 -2.38 -14.31
C ALA D 24 36.81 -2.47 -13.10
N PHE D 25 36.51 -1.72 -12.06
CA PHE D 25 37.36 -1.73 -10.86
C PHE D 25 37.31 -3.04 -10.08
N VAL D 26 36.13 -3.58 -9.81
CA VAL D 26 36.04 -4.80 -9.01
C VAL D 26 36.23 -6.06 -9.83
N LEU D 27 35.56 -6.15 -10.98
CA LEU D 27 35.52 -7.40 -11.72
C LEU D 27 36.78 -7.62 -12.57
N ASP D 28 37.23 -6.57 -13.27
CA ASP D 28 38.39 -6.67 -14.19
C ASP D 28 39.64 -5.94 -13.69
N ALA D 29 39.72 -5.73 -12.38
CA ALA D 29 40.85 -5.05 -11.79
C ALA D 29 42.17 -5.67 -12.22
N ASP D 30 42.25 -7.00 -12.22
CA ASP D 30 43.51 -7.72 -12.45
C ASP D 30 44.13 -7.47 -13.82
N ASN D 31 43.31 -7.10 -14.78
CA ASN D 31 43.77 -6.88 -16.13
C ASN D 31 43.72 -5.43 -16.52
N LEU D 32 42.73 -4.71 -16.04
CA LEU D 32 42.58 -3.30 -16.37
C LEU D 32 43.69 -2.41 -15.81
N ILE D 33 44.09 -2.67 -14.56
CA ILE D 33 45.06 -1.80 -13.87
C ILE D 33 46.50 -2.00 -14.34
N PRO D 34 46.98 -3.25 -14.42
CA PRO D 34 48.35 -3.39 -14.91
C PRO D 34 48.51 -2.89 -16.35
N LYS D 35 47.47 -3.06 -17.16
CA LYS D 35 47.44 -2.61 -18.54
C LYS D 35 47.72 -1.12 -18.61
N ILE D 36 46.91 -0.35 -17.90
CA ILE D 36 46.86 1.10 -18.04
C ILE D 36 47.73 1.87 -17.06
N ALA D 37 48.25 1.22 -16.03
CA ALA D 37 48.97 1.95 -14.96
C ALA D 37 50.07 1.11 -14.34
N PRO D 38 50.98 0.62 -15.18
CA PRO D 38 52.06 -0.26 -14.77
C PRO D 38 52.93 0.32 -13.69
N GLN D 39 52.98 1.64 -13.65
CA GLN D 39 53.75 2.35 -12.64
C GLN D 39 53.16 2.21 -11.22
N ALA D 40 51.93 1.68 -11.16
CA ALA D 40 51.16 1.56 -9.90
C ALA D 40 51.19 0.12 -9.42
N VAL D 41 50.32 -0.69 -10.00
CA VAL D 41 50.37 -2.14 -9.88
C VAL D 41 51.24 -2.72 -11.01
N LYS D 42 52.17 -3.59 -10.66
CA LYS D 42 52.94 -4.30 -11.67
C LYS D 42 52.10 -5.43 -12.27
N CYS D 43 51.59 -6.24 -11.34
CA CYS D 43 51.26 -7.64 -11.55
C CYS D 43 50.28 -8.03 -10.45
N ALA D 44 49.24 -8.77 -10.81
CA ALA D 44 48.34 -9.35 -9.82
C ALA D 44 48.22 -10.85 -10.08
N GLU D 45 48.72 -11.65 -9.13
CA GLU D 45 48.72 -13.10 -9.26
C GLU D 45 47.57 -13.66 -8.48
N ILE D 46 46.85 -14.61 -9.07
CA ILE D 46 45.82 -15.39 -8.36
C ILE D 46 46.46 -16.70 -7.88
N LEU D 47 46.49 -16.94 -6.58
CA LEU D 47 47.09 -18.18 -6.05
C LEU D 47 46.02 -19.20 -5.63
N GLU D 48 44.78 -19.04 -6.10
CA GLU D 48 43.66 -19.95 -5.80
C GLU D 48 42.65 -19.99 -6.93
N GLY D 49 41.60 -20.77 -6.74
CA GLY D 49 40.66 -21.01 -7.81
C GLY D 49 39.82 -19.79 -8.09
N ASP D 50 39.43 -19.68 -9.36
CA ASP D 50 38.19 -19.00 -9.81
C ASP D 50 38.04 -17.47 -9.58
N GLY D 51 39.06 -16.83 -8.99
CA GLY D 51 38.94 -15.42 -8.62
C GLY D 51 37.70 -15.16 -7.77
N GLY D 52 37.25 -16.19 -7.05
CA GLY D 52 36.00 -16.14 -6.32
C GLY D 52 36.23 -16.35 -4.83
N PRO D 53 35.18 -16.15 -4.04
CA PRO D 53 35.34 -16.18 -2.59
C PRO D 53 36.28 -17.28 -2.12
N GLY D 54 37.19 -16.93 -1.21
CA GLY D 54 38.22 -17.85 -0.73
C GLY D 54 39.55 -17.65 -1.45
N THR D 55 39.51 -17.06 -2.64
CA THR D 55 40.72 -16.83 -3.42
C THR D 55 41.73 -16.02 -2.66
N ILE D 56 43.00 -16.39 -2.77
CA ILE D 56 44.07 -15.63 -2.16
C ILE D 56 44.90 -15.06 -3.30
N LYS D 57 45.06 -13.74 -3.35
CA LYS D 57 45.84 -13.15 -4.44
C LYS D 57 46.86 -12.06 -4.03
N LYS D 58 47.98 -12.07 -4.73
CA LYS D 58 49.12 -11.26 -4.40
C LYS D 58 49.11 -10.10 -5.35
N ILE D 59 49.24 -8.90 -4.81
CA ILE D 59 49.29 -7.71 -5.64
C ILE D 59 50.66 -7.10 -5.44
N THR D 60 51.33 -6.84 -6.54
CA THR D 60 52.70 -6.35 -6.51
C THR D 60 52.68 -5.00 -7.20
N PHE D 61 53.44 -4.06 -6.63
CA PHE D 61 53.46 -2.66 -7.07
C PHE D 61 54.71 -2.35 -7.90
N GLY D 62 54.65 -1.30 -8.73
CA GLY D 62 55.55 -1.12 -9.89
C GLY D 62 57.09 -1.06 -9.74
N GLU D 63 57.55 -0.31 -8.74
CA GLU D 63 58.99 -0.06 -8.49
C GLU D 63 59.36 -0.56 -7.06
N GLY D 64 60.47 -0.05 -6.49
CA GLY D 64 60.79 -0.27 -5.07
C GLY D 64 59.73 0.31 -4.14
N SER D 65 59.21 1.48 -4.52
CA SER D 65 58.02 2.12 -3.91
C SER D 65 58.10 2.12 -2.37
N HIS D 66 57.01 1.77 -1.69
CA HIS D 66 56.99 1.65 -0.24
C HIS D 66 56.20 0.41 0.22
N TYR D 67 55.03 0.20 -0.39
CA TYR D 67 54.04 -0.79 0.07
C TYR D 67 54.46 -2.24 -0.18
N GLY D 68 55.28 -2.45 -1.21
CA GLY D 68 55.82 -3.77 -1.56
C GLY D 68 54.80 -4.73 -2.16
N TYR D 69 54.55 -5.84 -1.48
CA TYR D 69 53.52 -6.78 -1.89
C TYR D 69 52.44 -6.79 -0.83
N VAL D 70 51.19 -6.76 -1.25
CA VAL D 70 50.07 -6.91 -0.33
C VAL D 70 49.38 -8.19 -0.76
N LYS D 71 48.79 -8.91 0.21
CA LYS D 71 48.05 -10.15 -0.06
C LYS D 71 46.60 -10.06 0.37
N HIS D 72 45.69 -10.55 -0.46
CA HIS D 72 44.26 -10.43 -0.20
C HIS D 72 43.57 -11.80 -0.11
N LYS D 73 42.72 -12.02 0.90
CA LYS D 73 41.83 -13.17 0.89
C LYS D 73 40.47 -12.62 0.61
N ILE D 74 39.88 -13.02 -0.51
CA ILE D 74 38.62 -12.48 -0.98
C ILE D 74 37.50 -13.17 -0.24
N HIS D 75 36.59 -12.41 0.34
CA HIS D 75 35.48 -13.01 1.06
C HIS D 75 34.20 -13.01 0.22
N SER D 76 33.88 -11.93 -0.47
CA SER D 76 32.72 -11.96 -1.38
C SER D 76 32.69 -10.90 -2.49
N ILE D 77 32.04 -11.25 -3.60
CA ILE D 77 31.93 -10.36 -4.74
C ILE D 77 30.46 -10.31 -5.17
N ASP D 78 29.75 -9.29 -4.69
CA ASP D 78 28.30 -9.20 -4.83
C ASP D 78 27.86 -8.36 -6.03
N LYS D 79 27.86 -9.01 -7.19
CA LYS D 79 27.55 -8.38 -8.47
C LYS D 79 26.27 -7.58 -8.43
N VAL D 80 25.25 -8.07 -7.71
CA VAL D 80 23.95 -7.39 -7.65
C VAL D 80 23.97 -6.14 -6.77
N ASN D 81 24.55 -6.22 -5.58
CA ASN D 81 24.63 -5.06 -4.67
C ASN D 81 25.81 -4.16 -4.98
N HIS D 82 26.62 -4.53 -5.95
CA HIS D 82 27.85 -3.79 -6.28
C HIS D 82 28.72 -3.56 -5.06
N THR D 83 28.99 -4.64 -4.32
CA THR D 83 29.89 -4.60 -3.15
C THR D 83 30.85 -5.78 -3.22
N TYR D 84 32.11 -5.55 -2.85
CA TYR D 84 33.01 -6.65 -2.63
C TYR D 84 33.66 -6.50 -1.27
N SER D 85 34.18 -7.59 -0.74
CA SER D 85 34.88 -7.51 0.50
C SER D 85 35.94 -8.58 0.50
N TYR D 86 37.03 -8.29 1.20
CA TYR D 86 38.25 -9.10 1.17
C TYR D 86 39.09 -8.70 2.35
N SER D 87 40.04 -9.53 2.75
CA SER D 87 40.91 -9.20 3.89
C SER D 87 42.36 -9.15 3.49
N LEU D 88 43.08 -8.19 4.07
CA LEU D 88 44.53 -8.06 3.85
C LEU D 88 45.32 -8.91 4.85
N ILE D 89 45.84 -10.05 4.40
CA ILE D 89 46.48 -11.03 5.31
C ILE D 89 48.03 -11.10 5.30
N GLU D 90 48.68 -10.35 4.42
CA GLU D 90 50.15 -10.23 4.40
C GLU D 90 50.48 -8.90 3.73
N GLY D 91 51.31 -8.07 4.37
CA GLY D 91 51.73 -6.75 3.81
C GLY D 91 52.21 -5.77 4.88
N ASP D 92 52.94 -4.73 4.50
CA ASP D 92 53.55 -3.82 5.51
C ASP D 92 52.55 -3.32 6.55
N ALA D 93 51.29 -3.10 6.15
CA ALA D 93 50.25 -2.46 7.00
C ALA D 93 49.98 -3.25 8.28
N LEU D 94 50.26 -4.54 8.23
CA LEU D 94 50.17 -5.42 9.38
C LEU D 94 51.30 -5.13 10.35
N SER D 95 51.27 -5.80 11.49
CA SER D 95 52.18 -5.52 12.59
C SER D 95 52.08 -6.69 13.53
N GLU D 96 52.84 -6.66 14.60
CA GLU D 96 52.62 -7.61 15.71
C GLU D 96 51.26 -7.28 16.30
N ASN D 97 51.05 -5.99 16.47
CA ASN D 97 49.82 -5.44 17.02
C ASN D 97 48.55 -5.52 16.17
N ILE D 98 48.67 -5.96 14.91
CA ILE D 98 47.51 -6.04 13.98
C ILE D 98 47.56 -7.30 13.13
N GLU D 99 46.69 -8.25 13.45
CA GLU D 99 46.68 -9.58 12.81
C GLU D 99 46.28 -9.56 11.33
N LYS D 100 45.26 -8.77 11.03
CA LYS D 100 44.64 -8.79 9.71
C LYS D 100 43.72 -7.58 9.54
N ILE D 101 43.44 -7.20 8.29
CA ILE D 101 42.53 -6.09 8.04
C ILE D 101 41.42 -6.48 7.06
N ASP D 102 40.19 -6.15 7.46
CA ASP D 102 39.00 -6.57 6.77
C ASP D 102 38.36 -5.42 6.01
N TYR D 103 38.41 -5.49 4.68
CA TYR D 103 37.86 -4.42 3.82
C TYR D 103 36.51 -4.83 3.27
N GLU D 104 35.62 -3.84 3.19
CA GLU D 104 34.36 -4.01 2.50
C GLU D 104 34.16 -2.70 1.79
N THR D 105 33.89 -2.76 0.51
CA THR D 105 33.74 -1.58 -0.32
C THR D 105 32.40 -1.63 -1.02
N LYS D 106 31.56 -0.66 -0.71
CA LYS D 106 30.25 -0.55 -1.35
C LYS D 106 30.31 0.54 -2.39
N LEU D 107 29.70 0.29 -3.55
CA LEU D 107 29.45 1.34 -4.52
C LEU D 107 27.96 1.71 -4.50
N VAL D 108 27.63 2.75 -3.75
CA VAL D 108 26.28 3.26 -3.70
C VAL D 108 26.05 4.22 -4.88
N SER D 109 24.81 4.26 -5.38
CA SER D 109 24.44 5.17 -6.47
C SER D 109 23.92 6.49 -5.90
N ALA D 110 24.59 7.57 -6.24
CA ALA D 110 24.25 8.89 -5.76
C ALA D 110 22.97 9.43 -6.43
N PRO D 111 22.29 10.41 -5.79
CA PRO D 111 21.04 11.00 -6.32
C PRO D 111 21.16 11.58 -7.72
N HIS D 112 22.29 12.22 -8.01
CA HIS D 112 22.43 12.92 -9.27
C HIS D 112 23.36 12.22 -10.28
N GLY D 113 23.34 10.88 -10.32
CA GLY D 113 23.83 10.11 -11.50
C GLY D 113 25.05 9.20 -11.37
N GLY D 114 25.98 9.61 -10.51
CA GLY D 114 27.24 8.90 -10.31
C GLY D 114 27.26 7.88 -9.17
N THR D 115 28.43 7.68 -8.57
CA THR D 115 28.65 6.69 -7.53
C THR D 115 29.24 7.34 -6.30
N ILE D 116 28.98 6.78 -5.13
CA ILE D 116 29.78 7.09 -3.95
C ILE D 116 30.49 5.85 -3.49
N ILE D 117 31.82 5.85 -3.49
CA ILE D 117 32.56 4.67 -3.06
C ILE D 117 32.75 4.70 -1.56
N LYS D 118 32.18 3.73 -0.86
CA LYS D 118 32.24 3.65 0.60
C LYS D 118 33.03 2.48 1.04
N THR D 119 34.10 2.71 1.77
CA THR D 119 34.93 1.61 2.26
C THR D 119 35.00 1.62 3.78
N THR D 120 34.63 0.52 4.41
CA THR D 120 34.85 0.34 5.84
C THR D 120 36.02 -0.61 6.03
N SER D 121 36.97 -0.15 6.84
CA SER D 121 38.17 -0.89 7.25
C SER D 121 37.95 -1.43 8.66
N LYS D 122 38.43 -2.64 8.92
CA LYS D 122 38.30 -3.27 10.23
C LYS D 122 39.64 -3.84 10.66
N TYR D 123 40.33 -3.11 11.53
CA TYR D 123 41.66 -3.51 11.99
C TYR D 123 41.53 -4.49 13.14
N HIS D 124 41.76 -5.79 12.86
CA HIS D 124 41.84 -6.83 13.90
C HIS D 124 43.14 -6.75 14.72
N THR D 125 43.00 -6.37 15.99
CA THR D 125 44.14 -6.17 16.88
C THR D 125 44.41 -7.38 17.79
N LYS D 126 45.69 -7.50 18.18
CA LYS D 126 46.15 -8.22 19.37
C LYS D 126 46.83 -7.20 20.31
N GLY D 127 46.68 -7.36 21.62
CA GLY D 127 47.41 -6.52 22.58
C GLY D 127 46.97 -5.07 22.67
N ASP D 128 47.87 -4.20 23.15
CA ASP D 128 47.62 -2.76 23.23
C ASP D 128 47.27 -2.33 21.83
N VAL D 129 46.42 -1.32 21.73
CA VAL D 129 46.07 -0.77 20.41
C VAL D 129 47.01 0.39 20.06
N GLU D 130 47.94 0.07 19.16
CA GLU D 130 48.80 1.05 18.53
C GLU D 130 48.39 1.07 17.08
N ILE D 131 47.89 2.23 16.63
CA ILE D 131 47.38 2.45 15.25
C ILE D 131 47.53 3.91 14.81
N LYS D 132 48.32 4.11 13.77
CA LYS D 132 48.80 5.46 13.41
C LYS D 132 47.95 6.10 12.30
N GLU D 133 47.75 7.41 12.37
CA GLU D 133 46.90 8.12 11.40
C GLU D 133 47.54 8.09 10.01
N GLU D 134 48.84 8.41 9.96
CA GLU D 134 49.61 8.36 8.71
C GLU D 134 49.28 7.07 7.98
N HIS D 135 49.56 5.92 8.60
CA HIS D 135 49.40 4.60 7.94
C HIS D 135 48.01 4.48 7.28
N VAL D 136 46.99 4.99 7.97
CA VAL D 136 45.62 4.90 7.48
C VAL D 136 45.35 5.86 6.34
N LYS D 137 45.78 7.10 6.50
CA LYS D 137 45.67 8.03 5.41
C LYS D 137 46.28 7.43 4.15
N ALA D 138 47.49 6.88 4.27
CA ALA D 138 48.24 6.45 3.11
C ALA D 138 47.52 5.35 2.33
N GLY D 139 46.97 4.36 3.05
CA GLY D 139 46.15 3.35 2.41
C GLY D 139 44.96 3.96 1.70
N LYS D 140 44.39 4.97 2.33
CA LYS D 140 43.27 5.71 1.79
C LYS D 140 43.70 6.39 0.49
N GLU D 141 44.78 7.16 0.54
CA GLU D 141 45.32 7.84 -0.65
C GLU D 141 45.62 6.87 -1.81
N LYS D 142 46.18 5.71 -1.46
CA LYS D 142 46.46 4.65 -2.41
C LYS D 142 45.19 4.21 -3.15
N ALA D 143 44.26 3.67 -2.37
CA ALA D 143 43.00 3.14 -2.87
C ALA D 143 42.40 4.09 -3.86
N ALA D 144 42.11 5.30 -3.37
CA ALA D 144 41.62 6.41 -4.16
C ALA D 144 42.38 6.64 -5.48
N HIS D 145 43.70 6.56 -5.43
CA HIS D 145 44.54 6.86 -6.60
C HIS D 145 44.32 5.85 -7.68
N LEU D 146 44.30 4.56 -7.31
CA LEU D 146 43.86 3.51 -8.23
C LEU D 146 42.45 3.76 -8.76
N PHE D 147 41.57 4.27 -7.92
CA PHE D 147 40.21 4.58 -8.35
C PHE D 147 40.06 5.71 -9.37
N LYS D 148 40.80 6.79 -9.18
CA LYS D 148 40.81 7.89 -10.15
C LYS D 148 41.51 7.49 -11.47
N LEU D 149 42.50 6.61 -11.38
CA LEU D 149 43.15 6.05 -12.57
C LEU D 149 42.15 5.35 -13.50
N ILE D 150 41.38 4.43 -12.95
CA ILE D 150 40.33 3.77 -13.72
C ILE D 150 39.23 4.77 -14.13
N GLU D 151 38.84 5.65 -13.21
CA GLU D 151 37.79 6.61 -13.53
C GLU D 151 38.11 7.30 -14.86
N GLY D 152 39.34 7.81 -14.98
CA GLY D 152 39.75 8.59 -16.14
C GLY D 152 39.77 7.75 -17.39
N TYR D 153 40.48 6.63 -17.33
CA TYR D 153 40.42 5.66 -18.42
C TYR D 153 39.01 5.41 -18.94
N LEU D 154 38.08 5.09 -18.04
CA LEU D 154 36.69 4.76 -18.42
C LEU D 154 35.96 5.96 -19.02
N LYS D 155 36.22 7.12 -18.44
CA LYS D 155 35.73 8.39 -18.96
C LYS D 155 36.12 8.51 -20.45
N ASP D 156 37.37 8.18 -20.71
CA ASP D 156 38.00 8.30 -22.01
C ASP D 156 37.57 7.13 -22.98
N HIS D 157 36.82 6.16 -22.46
CA HIS D 157 36.46 4.94 -23.19
C HIS D 157 35.02 4.47 -22.87
N PRO D 158 34.02 5.24 -23.31
CA PRO D 158 32.66 5.01 -22.80
C PRO D 158 31.85 3.86 -23.45
N SER D 159 32.46 3.08 -24.34
CA SER D 159 31.79 1.89 -24.88
C SER D 159 32.11 0.62 -24.12
N GLU D 160 32.92 0.72 -23.07
CA GLU D 160 33.47 -0.44 -22.38
C GLU D 160 32.76 -0.60 -21.04
N TYR D 161 32.70 -1.85 -20.56
CA TYR D 161 32.19 -2.14 -19.22
C TYR D 161 30.74 -1.71 -19.05
N ASN D 162 30.04 -1.61 -20.19
CA ASN D 162 28.61 -1.31 -20.22
C ASN D 162 27.74 -2.49 -19.82
N ALA E 1 32.70 29.99 51.62
CA ALA E 1 31.68 29.00 52.07
C ALA E 1 30.24 29.48 51.81
N MET E 2 30.05 30.80 51.67
CA MET E 2 28.72 31.36 51.53
C MET E 2 28.20 31.38 50.08
N ALA E 3 27.33 30.41 49.77
CA ALA E 3 26.61 30.33 48.48
C ALA E 3 25.50 31.38 48.39
N GLY E 4 25.22 31.83 47.17
CA GLY E 4 24.20 32.84 46.94
C GLY E 4 24.01 33.08 45.46
N VAL E 5 22.98 33.81 45.12
CA VAL E 5 22.65 33.99 43.74
C VAL E 5 22.14 35.41 43.50
N TYR E 6 22.89 36.16 42.69
CA TYR E 6 22.50 37.52 42.35
C TYR E 6 21.76 37.49 41.01
N THR E 7 20.61 38.18 40.95
CA THR E 7 19.74 38.11 39.79
C THR E 7 19.57 39.48 39.15
N TYR E 8 19.99 39.58 37.89
CA TYR E 8 19.77 40.79 37.13
C TYR E 8 18.84 40.48 35.94
N GLU E 9 17.77 41.27 35.82
CA GLU E 9 16.73 41.07 34.81
C GLU E 9 16.70 42.20 33.80
N ASN E 10 17.39 42.01 32.69
CA ASN E 10 17.51 43.09 31.74
C ASN E 10 16.71 42.79 30.50
N GLU E 11 16.02 43.81 29.98
CA GLU E 11 15.00 43.62 28.96
C GLU E 11 15.04 44.71 27.89
N PHE E 12 14.73 44.34 26.65
CA PHE E 12 14.79 45.29 25.52
C PHE E 12 14.04 44.81 24.27
N THR E 13 13.60 45.77 23.46
CA THR E 13 12.66 45.53 22.35
C THR E 13 13.28 45.51 20.96
N SER E 14 12.68 44.68 20.09
CA SER E 14 13.05 44.61 18.66
C SER E 14 11.80 44.81 17.78
N ASP E 15 12.04 45.21 16.53
CA ASP E 15 11.00 45.32 15.49
C ASP E 15 10.78 43.95 14.85
N ILE E 16 11.89 43.31 14.50
CA ILE E 16 11.92 41.90 14.09
C ILE E 16 11.04 40.98 14.99
N PRO E 17 10.14 40.19 14.37
CA PRO E 17 9.25 39.36 15.17
C PRO E 17 9.91 38.07 15.64
N ALA E 18 9.36 37.55 16.74
CA ALA E 18 10.08 36.67 17.62
C ALA E 18 10.76 35.47 16.97
N PRO E 19 10.04 34.72 16.12
CA PRO E 19 10.61 33.48 15.59
C PRO E 19 11.85 33.70 14.72
N LYS E 20 11.82 34.75 13.92
CA LYS E 20 12.96 35.02 13.04
C LYS E 20 14.18 35.17 13.94
N LEU E 21 14.03 36.08 14.89
CA LEU E 21 15.11 36.38 15.81
C LEU E 21 15.61 35.12 16.50
N PHE E 22 14.67 34.27 16.94
CA PHE E 22 15.02 33.03 17.61
C PHE E 22 15.91 32.20 16.69
N LYS E 23 15.47 32.04 15.45
CA LYS E 23 16.15 31.15 14.49
C LYS E 23 17.56 31.59 14.14
N ALA E 24 17.71 32.90 14.04
CA ALA E 24 18.94 33.53 13.64
C ALA E 24 19.82 33.59 14.87
N PHE E 25 19.40 34.42 15.82
CA PHE E 25 20.20 34.78 16.99
C PHE E 25 20.60 33.54 17.78
N VAL E 26 19.69 32.59 17.93
CA VAL E 26 19.92 31.49 18.83
C VAL E 26 20.20 30.22 18.10
N LEU E 27 19.25 29.78 17.30
CA LEU E 27 19.37 28.49 16.66
C LEU E 27 20.58 28.39 15.76
N ASP E 28 20.87 29.47 15.04
CA ASP E 28 21.99 29.54 14.12
C ASP E 28 22.99 30.60 14.62
N ALA E 29 23.37 30.45 15.88
CA ALA E 29 24.20 31.44 16.56
C ALA E 29 25.58 31.47 15.97
N ASP E 30 26.08 30.28 15.68
CA ASP E 30 27.48 30.07 15.35
C ASP E 30 27.84 30.55 13.95
N ASN E 31 26.84 30.71 13.09
CA ASN E 31 27.07 31.16 11.71
C ASN E 31 26.85 32.66 11.53
N LEU E 32 25.78 33.18 12.10
CA LEU E 32 25.38 34.56 11.86
C LEU E 32 26.32 35.55 12.53
N ILE E 33 26.78 35.20 13.71
CA ILE E 33 27.54 36.12 14.52
C ILE E 33 28.84 36.55 13.84
N PRO E 34 29.69 35.56 13.48
CA PRO E 34 30.98 35.88 12.85
C PRO E 34 30.82 36.71 11.59
N LYS E 35 29.71 36.50 10.90
CA LYS E 35 29.38 37.34 9.77
C LYS E 35 29.26 38.83 10.10
N ILE E 36 28.49 39.16 11.13
CA ILE E 36 28.13 40.57 11.37
C ILE E 36 28.84 41.23 12.57
N ALA E 37 29.66 40.47 13.28
CA ALA E 37 30.41 41.02 14.41
C ALA E 37 31.83 40.44 14.42
N PRO E 38 32.68 40.95 13.53
CA PRO E 38 34.08 40.49 13.44
C PRO E 38 35.00 40.96 14.59
N GLN E 39 34.73 42.16 15.09
CA GLN E 39 35.49 42.76 16.19
C GLN E 39 35.12 42.09 17.52
N ALA E 40 33.84 41.74 17.63
CA ALA E 40 33.26 41.13 18.83
C ALA E 40 33.55 39.63 18.92
N VAL E 41 33.41 38.92 17.81
CA VAL E 41 33.46 37.46 17.84
C VAL E 41 34.25 36.89 16.63
N LYS E 42 34.63 35.62 16.76
CA LYS E 42 35.36 34.91 15.74
C LYS E 42 34.71 33.56 15.46
N CYS E 43 34.87 32.60 16.36
CA CYS E 43 34.55 31.19 16.09
C CYS E 43 33.74 30.53 17.24
N ALA E 44 33.35 29.27 17.06
CA ALA E 44 32.63 28.52 18.08
C ALA E 44 32.68 27.02 17.87
N GLU E 45 33.27 26.30 18.81
CA GLU E 45 33.39 24.85 18.70
C GLU E 45 32.49 24.12 19.69
N ILE E 46 31.75 23.13 19.20
CA ILE E 46 30.97 22.26 20.07
C ILE E 46 31.91 21.13 20.54
N LEU E 47 32.14 21.08 21.85
CA LEU E 47 33.16 20.21 22.43
C LEU E 47 32.58 18.99 23.10
N GLU E 48 31.26 18.92 23.17
CA GLU E 48 30.58 17.79 23.77
C GLU E 48 29.20 17.69 23.19
N GLY E 49 28.55 16.56 23.47
CA GLY E 49 27.12 16.37 23.29
C GLY E 49 26.54 16.79 21.95
N ASP E 50 25.27 17.20 21.97
CA ASP E 50 24.49 17.39 20.74
C ASP E 50 24.12 18.86 20.41
N GLY E 51 24.15 19.71 21.41
CA GLY E 51 23.53 21.03 21.29
C GLY E 51 22.30 21.11 22.18
N GLY E 52 21.93 19.96 22.76
CA GLY E 52 20.91 19.91 23.81
C GLY E 52 21.54 20.12 25.16
N PRO E 53 20.82 19.78 26.23
CA PRO E 53 21.37 19.86 27.59
C PRO E 53 22.71 19.11 27.84
N GLY E 54 23.64 19.81 28.45
CA GLY E 54 24.96 19.28 28.72
C GLY E 54 25.92 19.58 27.58
N THR E 55 25.46 20.34 26.58
CA THR E 55 26.29 20.56 25.43
C THR E 55 27.20 21.77 25.58
N ILE E 56 28.48 21.48 25.79
CA ILE E 56 29.47 22.51 25.98
C ILE E 56 29.88 23.09 24.65
N LYS E 57 30.07 24.40 24.64
CA LYS E 57 30.50 25.11 23.47
C LYS E 57 31.82 25.73 23.83
N LYS E 58 32.57 26.20 22.85
CA LYS E 58 33.75 27.01 23.11
C LYS E 58 33.79 28.17 22.15
N ILE E 59 34.05 29.35 22.67
CA ILE E 59 33.95 30.60 21.89
C ILE E 59 35.28 31.34 21.97
N THR E 60 35.47 32.35 21.11
CA THR E 60 36.62 33.28 21.20
C THR E 60 36.29 34.65 20.65
N PHE E 61 36.74 35.71 21.33
CA PHE E 61 36.48 37.10 20.90
C PHE E 61 37.44 37.51 19.79
N GLY E 62 37.29 38.75 19.29
CA GLY E 62 37.99 39.21 18.09
C GLY E 62 39.50 39.14 18.16
N TYR E 67 40.59 39.97 23.11
CA TYR E 67 41.49 39.00 23.71
C TYR E 67 40.84 38.28 24.90
N GLY E 68 40.48 37.00 24.70
CA GLY E 68 39.87 36.15 25.72
C GLY E 68 38.92 35.11 25.11
N TYR E 69 38.57 34.07 25.87
CA TYR E 69 37.54 33.11 25.45
C TYR E 69 36.64 32.62 26.59
N VAL E 70 35.47 32.12 26.23
CA VAL E 70 34.52 31.59 27.22
C VAL E 70 34.02 30.21 26.85
N LYS E 71 33.08 29.69 27.64
CA LYS E 71 32.53 28.37 27.45
C LYS E 71 31.15 28.28 28.07
N HIS E 72 30.19 27.78 27.30
CA HIS E 72 28.82 27.78 27.71
C HIS E 72 28.31 26.35 27.82
N LYS E 73 27.60 26.03 28.91
CA LYS E 73 26.88 24.77 28.99
C LYS E 73 25.39 25.10 28.80
N ILE E 74 24.78 24.50 27.78
CA ILE E 74 23.35 24.54 27.52
C ILE E 74 22.59 23.81 28.64
N HIS E 75 21.68 24.51 29.34
CA HIS E 75 20.74 23.83 30.27
C HIS E 75 19.50 23.38 29.49
N SER E 76 19.05 24.23 28.54
CA SER E 76 17.82 23.94 27.77
C SER E 76 17.54 24.85 26.57
N ILE E 77 16.75 24.31 25.63
CA ILE E 77 16.34 24.96 24.35
C ILE E 77 14.87 24.63 24.07
N ASP E 78 13.98 25.62 24.13
CA ASP E 78 12.54 25.42 23.85
C ASP E 78 12.09 26.18 22.58
N LYS E 79 12.14 25.48 21.47
CA LYS E 79 11.83 26.10 20.20
C LYS E 79 10.36 26.53 20.10
N VAL E 80 9.45 25.78 20.69
CA VAL E 80 8.07 26.11 20.50
C VAL E 80 7.76 27.32 21.33
N ASN E 81 8.29 27.39 22.55
CA ASN E 81 7.98 28.54 23.41
C ASN E 81 8.94 29.70 23.16
N HIS E 82 10.03 29.45 22.42
CA HIS E 82 11.02 30.48 22.09
C HIS E 82 11.80 30.94 23.33
N THR E 83 12.45 29.99 24.00
CA THR E 83 13.25 30.32 25.17
C THR E 83 14.50 29.48 25.21
N TYR E 84 15.59 30.11 25.61
CA TYR E 84 16.92 29.53 25.61
C TYR E 84 17.49 29.67 27.04
N SER E 85 18.36 28.75 27.45
CA SER E 85 19.09 28.93 28.72
C SER E 85 20.40 28.14 28.81
N TYR E 86 21.44 28.84 29.22
CA TYR E 86 22.82 28.35 29.22
C TYR E 86 23.63 28.98 30.33
N SER E 87 24.83 28.44 30.56
CA SER E 87 25.70 28.90 31.65
C SER E 87 27.05 29.32 31.14
N LEU E 88 27.54 30.45 31.62
CA LEU E 88 28.95 30.75 31.49
C LEU E 88 29.66 29.94 32.58
N ILE E 89 30.47 28.95 32.17
CA ILE E 89 31.16 28.06 33.11
C ILE E 89 32.67 28.23 33.12
N GLU E 90 33.20 28.86 32.08
CA GLU E 90 34.62 29.19 32.05
C GLU E 90 34.85 30.42 31.18
N GLY E 91 35.28 31.52 31.79
CA GLY E 91 35.50 32.78 31.08
C GLY E 91 36.39 33.74 31.85
N ASP E 92 36.71 34.88 31.24
CA ASP E 92 37.55 35.92 31.91
C ASP E 92 36.68 36.85 32.76
N ALA E 93 35.51 36.36 33.16
CA ALA E 93 34.60 37.11 34.04
C ALA E 93 34.14 36.22 35.19
N LEU E 94 34.98 35.26 35.55
CA LEU E 94 34.69 34.40 36.69
C LEU E 94 35.87 34.42 37.67
N SER E 95 35.77 35.33 38.64
CA SER E 95 36.67 35.30 39.79
C SER E 95 36.29 34.12 40.68
N GLU E 96 37.09 33.85 41.68
CA GLU E 96 36.72 32.85 42.68
C GLU E 96 35.50 33.32 43.44
N ASN E 97 35.27 34.64 43.45
CA ASN E 97 34.05 35.21 44.01
C ASN E 97 32.78 34.85 43.26
N ILE E 98 32.89 34.71 41.94
CA ILE E 98 31.71 34.40 41.12
C ILE E 98 31.88 33.10 40.33
N GLU E 99 31.43 31.99 40.92
CA GLU E 99 31.75 30.67 40.37
C GLU E 99 31.18 30.37 39.00
N LYS E 100 30.04 30.96 38.66
CA LYS E 100 29.31 30.61 37.44
C LYS E 100 28.20 31.62 37.26
N ILE E 101 27.67 31.68 36.04
CA ILE E 101 26.51 32.54 35.71
C ILE E 101 25.45 31.87 34.80
N ASP E 102 24.18 31.97 35.19
CA ASP E 102 23.10 31.35 34.45
C ASP E 102 22.32 32.40 33.67
N TYR E 103 22.36 32.30 32.34
CA TYR E 103 21.54 33.13 31.45
C TYR E 103 20.34 32.32 31.01
N GLU E 104 19.18 32.96 31.09
CA GLU E 104 17.97 32.44 30.50
C GLU E 104 17.37 33.59 29.72
N THR E 105 17.20 33.41 28.41
CA THR E 105 16.52 34.38 27.56
C THR E 105 15.14 33.84 27.16
N LYS E 106 14.09 34.66 27.29
CA LYS E 106 12.78 34.34 26.75
C LYS E 106 12.45 35.40 25.72
N LEU E 107 12.14 34.98 24.49
CA LEU E 107 11.70 35.90 23.44
C LEU E 107 10.23 35.98 23.51
N VAL E 108 9.68 37.18 23.51
CA VAL E 108 8.25 37.38 23.75
C VAL E 108 7.63 38.35 22.74
N SER E 109 6.42 38.04 22.28
CA SER E 109 5.78 38.84 21.23
C SER E 109 5.17 40.08 21.85
N ALA E 110 5.01 41.11 21.03
CA ALA E 110 4.79 42.48 21.51
C ALA E 110 3.52 43.10 20.90
N PRO E 111 3.21 44.38 21.25
CA PRO E 111 2.04 45.08 20.68
C PRO E 111 2.06 45.28 19.16
N HIS E 112 3.10 45.93 18.65
CA HIS E 112 3.17 46.34 17.24
C HIS E 112 3.59 45.19 16.30
N GLY E 113 3.62 43.97 16.82
CA GLY E 113 4.05 42.79 16.06
C GLY E 113 5.49 42.43 16.34
N GLY E 114 6.07 43.10 17.35
CA GLY E 114 7.50 43.01 17.61
C GLY E 114 7.88 41.86 18.54
N THR E 115 8.92 42.11 19.33
CA THR E 115 9.49 41.12 20.22
C THR E 115 10.18 41.87 21.33
N ILE E 116 9.88 41.51 22.58
CA ILE E 116 10.68 41.97 23.70
C ILE E 116 11.51 40.83 24.18
N ILE E 117 12.83 40.98 24.07
CA ILE E 117 13.75 40.02 24.65
C ILE E 117 13.80 40.21 26.16
N LYS E 118 13.62 39.13 26.91
CA LYS E 118 13.81 39.20 28.33
C LYS E 118 14.93 38.26 28.62
N THR E 119 16.04 38.80 29.14
CA THR E 119 17.17 37.99 29.61
C THR E 119 17.29 38.12 31.10
N THR E 120 17.82 37.08 31.73
CA THR E 120 17.95 37.04 33.18
C THR E 120 19.24 36.37 33.62
N SER E 121 20.14 37.17 34.18
CA SER E 121 21.46 36.71 34.62
C SER E 121 21.40 36.25 36.04
N LYS E 122 21.89 35.05 36.33
CA LYS E 122 21.94 34.55 37.71
C LYS E 122 23.34 34.19 38.20
N TYR E 123 23.99 35.18 38.78
CA TYR E 123 25.35 35.04 39.26
C TYR E 123 25.41 34.13 40.46
N HIS E 124 26.13 33.02 40.31
CA HIS E 124 26.38 32.05 41.36
C HIS E 124 27.63 32.36 42.17
N THR E 125 27.43 33.03 43.30
CA THR E 125 28.52 33.61 44.06
C THR E 125 28.97 32.71 45.21
N LYS E 126 30.25 32.79 45.54
CA LYS E 126 30.80 32.14 46.73
C LYS E 126 31.47 33.20 47.62
N GLY E 127 31.50 32.97 48.93
CA GLY E 127 32.10 33.92 49.86
C GLY E 127 31.44 35.27 49.80
N ASP E 128 32.20 36.32 50.10
CA ASP E 128 31.71 37.71 50.02
C ASP E 128 31.20 38.05 48.64
N VAL E 129 30.31 39.04 48.58
CA VAL E 129 29.74 39.43 47.31
C VAL E 129 30.28 40.76 46.82
N GLU E 130 30.89 40.67 45.64
CA GLU E 130 31.56 41.75 44.97
C GLU E 130 31.07 41.70 43.51
N ILE E 131 30.18 42.63 43.13
CA ILE E 131 29.67 42.69 41.75
C ILE E 131 29.44 44.12 41.36
N LYS E 132 30.22 44.63 40.40
CA LYS E 132 30.25 46.07 40.10
C LYS E 132 29.31 46.53 38.97
N GLU E 133 28.62 47.65 39.20
CA GLU E 133 27.60 48.24 38.30
C GLU E 133 28.06 48.49 36.87
N GLU E 134 29.35 48.74 36.68
CA GLU E 134 29.95 48.86 35.34
C GLU E 134 29.99 47.47 34.69
N HIS E 135 30.80 46.57 35.22
CA HIS E 135 30.92 45.23 34.62
C HIS E 135 29.58 44.71 34.08
N VAL E 136 28.52 44.89 34.85
CA VAL E 136 27.18 44.43 34.45
C VAL E 136 26.57 45.33 33.36
N LYS E 137 26.59 46.65 33.56
CA LYS E 137 26.06 47.59 32.57
C LYS E 137 26.87 47.54 31.26
N ALA E 138 28.07 46.95 31.34
CA ALA E 138 28.95 46.70 30.17
C ALA E 138 28.66 45.40 29.42
N GLY E 139 27.94 44.47 30.05
CA GLY E 139 27.46 43.26 29.39
C GLY E 139 26.30 43.63 28.51
N LYS E 140 25.36 44.38 29.07
CA LYS E 140 24.31 45.04 28.30
C LYS E 140 24.82 45.72 27.03
N GLU E 141 25.66 46.74 27.20
CA GLU E 141 26.15 47.54 26.06
C GLU E 141 26.54 46.59 24.91
N LYS E 142 27.38 45.59 25.21
CA LYS E 142 27.86 44.66 24.20
C LYS E 142 26.67 43.95 23.52
N ALA E 143 25.79 43.39 24.34
CA ALA E 143 24.60 42.71 23.83
C ALA E 143 23.60 43.64 23.10
N ALA E 144 23.35 44.82 23.67
CA ALA E 144 22.39 45.81 23.10
C ALA E 144 22.81 46.32 21.71
N HIS E 145 24.12 46.51 21.55
CA HIS E 145 24.71 46.85 20.25
C HIS E 145 24.48 45.67 19.30
N LEU E 146 24.84 44.48 19.77
CA LEU E 146 24.70 43.28 18.97
C LEU E 146 23.31 43.09 18.40
N PHE E 147 22.28 43.39 19.18
CA PHE E 147 20.92 43.27 18.68
C PHE E 147 20.56 44.23 17.58
N LYS E 148 21.22 45.40 17.57
CA LYS E 148 21.10 46.32 16.43
C LYS E 148 21.81 45.72 15.22
N LEU E 149 22.95 45.10 15.48
CA LEU E 149 23.66 44.42 14.42
C LEU E 149 22.80 43.29 13.86
N ILE E 150 22.23 42.50 14.75
CA ILE E 150 21.36 41.41 14.35
C ILE E 150 20.14 42.01 13.69
N GLU E 151 19.53 42.98 14.39
CA GLU E 151 18.29 43.62 13.93
C GLU E 151 18.47 44.32 12.59
N GLY E 152 19.68 44.83 12.35
CA GLY E 152 20.02 45.52 11.10
C GLY E 152 20.23 44.57 9.94
N TYR E 153 20.84 43.43 10.21
CA TYR E 153 21.11 42.41 9.20
C TYR E 153 19.88 41.64 8.76
N LEU E 154 18.86 41.61 9.58
CA LEU E 154 17.65 40.88 9.22
C LEU E 154 16.72 41.80 8.43
N LYS E 155 16.92 43.10 8.50
CA LYS E 155 16.13 44.00 7.66
C LYS E 155 16.74 44.09 6.26
N ASP E 156 18.02 43.74 6.15
CA ASP E 156 18.73 43.79 4.88
C ASP E 156 18.84 42.41 4.22
N HIS E 157 18.27 41.39 4.85
CA HIS E 157 18.24 40.04 4.25
C HIS E 157 16.94 39.30 4.59
N PRO E 158 15.78 39.90 4.23
CA PRO E 158 14.49 39.31 4.61
C PRO E 158 14.25 37.98 3.90
N SER E 159 15.06 37.68 2.92
CA SER E 159 15.08 36.33 2.38
C SER E 159 15.22 35.33 3.52
N GLU E 160 16.15 35.58 4.45
CA GLU E 160 16.62 34.57 5.41
C GLU E 160 15.80 34.46 6.71
N TYR E 161 15.80 33.22 7.23
CA TYR E 161 15.28 32.89 8.55
C TYR E 161 13.77 33.03 8.69
N ASN E 162 13.03 32.36 7.83
CA ASN E 162 11.59 32.60 7.68
C ASN E 162 10.73 31.37 7.96
N ALA F 1 -3.53 14.15 -20.22
CA ALA F 1 -4.07 14.39 -18.85
C ALA F 1 -3.32 15.55 -18.21
N MET F 2 -4.05 16.62 -17.91
CA MET F 2 -3.43 17.89 -17.50
C MET F 2 -3.31 17.96 -15.99
N ALA F 3 -2.11 18.28 -15.51
CA ALA F 3 -1.93 18.57 -14.10
C ALA F 3 -2.40 20.01 -13.82
N GLY F 4 -2.66 20.26 -12.56
CA GLY F 4 -3.14 21.54 -12.07
C GLY F 4 -3.29 21.38 -10.56
N VAL F 5 -3.65 22.46 -9.89
CA VAL F 5 -3.73 22.46 -8.44
C VAL F 5 -4.89 23.34 -7.96
N TYR F 6 -5.75 22.78 -7.12
CA TYR F 6 -6.80 23.57 -6.47
C TYR F 6 -6.39 23.93 -5.03
N THR F 7 -6.48 25.21 -4.70
CA THR F 7 -6.21 25.68 -3.35
C THR F 7 -7.48 26.20 -2.69
N TYR F 8 -7.90 25.53 -1.61
CA TYR F 8 -8.87 26.05 -0.66
C TYR F 8 -8.10 26.45 0.56
N GLU F 9 -8.56 27.52 1.22
CA GLU F 9 -7.95 27.99 2.49
C GLU F 9 -9.00 28.31 3.53
N ASN F 10 -8.76 27.85 4.75
CA ASN F 10 -9.72 27.96 5.84
C ASN F 10 -9.11 28.51 7.12
N GLU F 11 -9.89 29.24 7.90
CA GLU F 11 -9.42 29.81 9.19
C GLU F 11 -10.30 29.48 10.40
N PHE F 12 -9.65 28.96 11.45
CA PHE F 12 -10.30 28.75 12.75
C PHE F 12 -9.68 29.63 13.79
N THR F 13 -10.50 30.03 14.75
CA THR F 13 -10.01 30.85 15.80
C THR F 13 -10.11 30.01 17.04
N SER F 14 -9.11 30.13 17.91
CA SER F 14 -9.11 29.36 19.15
C SER F 14 -8.55 30.14 20.34
N ASP F 15 -9.07 29.83 21.53
CA ASP F 15 -8.72 30.56 22.75
C ASP F 15 -7.41 30.09 23.36
N ILE F 16 -6.99 28.90 22.98
CA ILE F 16 -5.67 28.39 23.37
C ILE F 16 -4.54 29.12 22.64
N PRO F 17 -3.48 29.51 23.36
CA PRO F 17 -2.33 30.12 22.73
C PRO F 17 -1.57 29.20 21.78
N ALA F 18 -0.94 29.82 20.78
CA ALA F 18 -0.28 29.07 19.70
C ALA F 18 0.70 28.07 20.24
N PRO F 19 1.54 28.47 21.19
CA PRO F 19 2.54 27.48 21.57
C PRO F 19 1.96 26.22 22.22
N LYS F 20 0.87 26.31 23.00
CA LYS F 20 0.33 25.11 23.68
C LYS F 20 -0.30 24.22 22.64
N LEU F 21 -1.14 24.86 21.85
CA LEU F 21 -1.89 24.24 20.78
C LEU F 21 -0.95 23.43 19.89
N PHE F 22 0.24 23.96 19.66
CA PHE F 22 1.17 23.33 18.77
C PHE F 22 1.74 22.10 19.43
N LYS F 23 2.16 22.23 20.69
CA LYS F 23 2.76 21.11 21.45
C LYS F 23 1.79 19.93 21.55
N ALA F 24 0.51 20.27 21.64
CA ALA F 24 -0.57 19.32 21.80
C ALA F 24 -1.00 18.69 20.50
N PHE F 25 -1.43 19.53 19.56
CA PHE F 25 -2.09 19.07 18.34
C PHE F 25 -1.14 18.57 17.29
N VAL F 26 0.01 19.21 17.14
CA VAL F 26 0.96 18.82 16.09
C VAL F 26 1.93 17.84 16.68
N LEU F 27 2.60 18.28 17.72
CA LEU F 27 3.72 17.53 18.24
C LEU F 27 3.36 16.30 19.05
N ASP F 28 2.13 16.24 19.59
CA ASP F 28 1.67 15.10 20.44
C ASP F 28 0.36 14.45 19.97
N ALA F 29 0.05 14.52 18.69
CA ALA F 29 -1.25 14.10 18.20
C ALA F 29 -1.53 12.65 18.51
N ASP F 30 -0.57 11.79 18.18
CA ASP F 30 -0.77 10.32 18.23
C ASP F 30 -1.24 9.77 19.58
N ASN F 31 -0.73 10.36 20.65
CA ASN F 31 -1.13 9.97 21.96
C ASN F 31 -2.44 10.70 22.29
N LEU F 32 -2.39 12.03 22.27
CA LEU F 32 -3.52 12.87 22.64
C LEU F 32 -4.79 12.60 21.85
N ILE F 33 -4.76 12.81 20.54
CA ILE F 33 -5.98 12.76 19.73
C ILE F 33 -6.84 11.49 19.95
N PRO F 34 -6.23 10.30 19.84
CA PRO F 34 -6.97 9.10 20.25
C PRO F 34 -7.68 9.21 21.60
N LYS F 35 -7.01 9.85 22.55
CA LYS F 35 -7.55 10.00 23.90
C LYS F 35 -8.83 10.87 23.95
N ILE F 36 -8.77 12.07 23.35
CA ILE F 36 -9.89 13.01 23.30
C ILE F 36 -11.06 12.49 22.47
N ALA F 37 -10.76 11.76 21.40
CA ALA F 37 -11.79 11.19 20.54
C ALA F 37 -11.54 9.70 20.35
N PRO F 38 -11.87 8.88 21.38
CA PRO F 38 -11.62 7.45 21.26
C PRO F 38 -12.43 6.92 20.09
N GLN F 39 -13.67 7.37 20.03
CA GLN F 39 -14.60 6.98 18.98
C GLN F 39 -14.04 7.31 17.61
N ALA F 40 -13.53 8.53 17.49
CA ALA F 40 -13.19 9.09 16.20
C ALA F 40 -11.94 8.50 15.55
N VAL F 41 -10.96 8.09 16.35
CA VAL F 41 -9.74 7.50 15.80
C VAL F 41 -9.49 6.15 16.43
N LYS F 42 -9.16 5.16 15.61
CA LYS F 42 -8.84 3.81 16.09
C LYS F 42 -7.38 3.74 16.52
N CYS F 43 -6.44 4.01 15.62
CA CYS F 43 -5.03 4.21 16.01
C CYS F 43 -4.20 4.83 14.89
N ALA F 44 -3.19 5.60 15.31
CA ALA F 44 -2.15 6.08 14.42
C ALA F 44 -0.96 5.12 14.51
N GLU F 45 -0.10 5.11 13.49
CA GLU F 45 1.08 4.26 13.47
C GLU F 45 2.08 4.64 12.37
N ILE F 46 3.37 4.60 12.68
CA ILE F 46 4.42 4.95 11.70
C ILE F 46 4.91 3.75 10.88
N LEU F 47 5.03 3.93 9.57
CA LEU F 47 5.46 2.89 8.59
C LEU F 47 6.82 3.13 7.91
N GLU F 48 7.30 4.37 7.96
CA GLU F 48 8.64 4.74 7.51
C GLU F 48 8.97 6.01 8.28
N GLY F 49 10.12 6.05 8.93
CA GLY F 49 10.58 7.31 9.50
C GLY F 49 10.43 7.32 10.98
N ASP F 50 11.01 8.36 11.59
CA ASP F 50 10.98 8.51 13.05
C ASP F 50 9.70 9.17 13.58
N GLY F 51 9.12 10.07 12.77
CA GLY F 51 8.02 10.94 13.21
C GLY F 51 8.14 12.33 12.59
N GLY F 52 9.36 12.64 12.15
CA GLY F 52 9.65 13.88 11.43
C GLY F 52 9.45 13.80 9.93
N PRO F 53 10.21 14.59 9.15
CA PRO F 53 10.02 14.69 7.70
C PRO F 53 10.18 13.39 6.93
N GLY F 54 9.48 13.29 5.80
CA GLY F 54 9.41 12.05 5.03
C GLY F 54 8.49 10.98 5.62
N THR F 55 8.37 10.95 6.95
CA THR F 55 7.70 9.85 7.64
C THR F 55 6.34 9.61 7.04
N ILE F 56 6.02 8.34 6.85
CA ILE F 56 4.71 7.96 6.37
C ILE F 56 3.89 7.36 7.50
N LYS F 57 3.03 8.17 8.09
CA LYS F 57 2.10 7.71 9.10
C LYS F 57 0.86 7.12 8.43
N LYS F 58 0.01 6.48 9.23
CA LYS F 58 -1.22 5.83 8.75
C LYS F 58 -2.22 5.80 9.88
N ILE F 59 -3.49 5.94 9.58
CA ILE F 59 -4.47 6.30 10.60
C ILE F 59 -5.82 5.72 10.24
N THR F 60 -6.49 5.14 11.22
CA THR F 60 -7.69 4.33 10.95
C THR F 60 -8.88 4.71 11.84
N PHE F 61 -10.11 4.52 11.37
CA PHE F 61 -11.32 4.86 12.16
C PHE F 61 -12.52 3.90 12.02
N GLY F 62 -12.40 2.71 12.60
CA GLY F 62 -13.34 1.61 12.37
C GLY F 62 -14.67 1.64 13.09
N GLU F 63 -15.70 2.06 12.37
CA GLU F 63 -17.10 1.90 12.77
C GLU F 63 -17.79 0.97 11.76
N GLY F 64 -17.10 -0.16 11.48
CA GLY F 64 -17.70 -1.32 10.80
C GLY F 64 -17.83 -1.20 9.29
N SER F 65 -19.00 -0.70 8.86
CA SER F 65 -19.30 -0.48 7.43
C SER F 65 -18.45 0.67 6.90
N HIS F 66 -18.23 1.67 7.76
CA HIS F 66 -17.15 2.66 7.53
C HIS F 66 -15.95 2.37 8.38
N TYR F 67 -15.05 1.56 7.87
CA TYR F 67 -13.72 1.50 8.43
C TYR F 67 -12.81 1.91 7.32
N GLY F 68 -11.98 2.90 7.59
CA GLY F 68 -11.07 3.41 6.59
C GLY F 68 -9.72 3.65 7.21
N TYR F 69 -8.73 3.71 6.35
CA TYR F 69 -7.38 4.08 6.75
C TYR F 69 -6.91 5.18 5.81
N VAL F 70 -6.16 6.15 6.34
CA VAL F 70 -5.54 7.20 5.51
C VAL F 70 -4.04 7.28 5.75
N LYS F 71 -3.28 7.53 4.68
CA LYS F 71 -1.83 7.72 4.79
C LYS F 71 -1.40 9.18 4.61
N HIS F 72 -0.68 9.71 5.60
CA HIS F 72 -0.13 11.04 5.52
C HIS F 72 1.37 10.95 5.41
N LYS F 73 1.95 11.69 4.45
CA LYS F 73 3.41 11.89 4.40
C LYS F 73 3.75 13.29 4.89
N ILE F 74 4.60 13.38 5.91
CA ILE F 74 4.89 14.64 6.60
C ILE F 74 6.10 15.38 6.01
N HIS F 75 5.87 16.55 5.41
CA HIS F 75 6.95 17.31 4.74
C HIS F 75 7.80 18.05 5.74
N SER F 76 7.19 18.92 6.53
CA SER F 76 7.93 19.68 7.50
C SER F 76 7.19 19.85 8.81
N ILE F 77 7.95 19.97 9.89
CA ILE F 77 7.43 20.46 11.16
C ILE F 77 8.24 21.66 11.63
N ASP F 78 7.63 22.83 11.71
CA ASP F 78 8.36 24.01 12.12
C ASP F 78 7.93 24.39 13.54
N LYS F 79 8.74 23.94 14.49
CA LYS F 79 8.54 24.25 15.89
C LYS F 79 8.58 25.77 16.16
N VAL F 80 9.49 26.47 15.50
CA VAL F 80 9.79 27.86 15.82
C VAL F 80 8.74 28.80 15.24
N ASN F 81 8.26 28.44 14.06
CA ASN F 81 7.20 29.20 13.39
C ASN F 81 5.79 28.82 13.84
N HIS F 82 5.65 27.57 14.28
CA HIS F 82 4.36 26.97 14.61
C HIS F 82 3.57 26.61 13.39
N THR F 83 4.25 26.00 12.42
CA THR F 83 3.63 25.58 11.18
C THR F 83 4.10 24.18 10.91
N TYR F 84 3.32 23.42 10.16
CA TYR F 84 3.75 22.10 9.68
C TYR F 84 2.92 21.68 8.47
N SER F 85 3.48 20.81 7.63
CA SER F 85 2.78 20.36 6.40
C SER F 85 2.89 18.86 6.11
N TYR F 86 1.87 18.35 5.43
CA TYR F 86 1.81 16.94 5.08
C TYR F 86 0.92 16.72 3.88
N SER F 87 1.13 15.60 3.19
CA SER F 87 0.27 15.23 2.09
C SER F 87 -0.48 14.00 2.49
N LEU F 88 -1.80 14.04 2.27
CA LEU F 88 -2.62 12.85 2.14
C LEU F 88 -2.24 12.07 0.85
N ILE F 89 -1.77 10.83 1.00
CA ILE F 89 -1.29 10.03 -0.15
C ILE F 89 -1.97 8.66 -0.35
N GLU F 90 -2.94 8.33 0.49
CA GLU F 90 -3.83 7.15 0.32
C GLU F 90 -5.12 7.38 1.10
N GLY F 91 -6.25 7.59 0.42
CA GLY F 91 -7.49 7.90 1.15
C GLY F 91 -8.76 7.73 0.36
N ASP F 92 -9.90 7.76 1.04
CA ASP F 92 -11.20 7.64 0.38
C ASP F 92 -11.37 8.86 -0.53
N ALA F 93 -11.01 10.06 -0.01
CA ALA F 93 -11.21 11.36 -0.70
C ALA F 93 -10.41 11.51 -1.98
N LEU F 94 -9.29 10.81 -2.06
CA LEU F 94 -8.51 10.72 -3.30
C LEU F 94 -9.33 10.12 -4.45
N SER F 95 -8.80 10.27 -5.67
CA SER F 95 -9.42 9.74 -6.89
C SER F 95 -8.32 9.65 -7.94
N GLU F 96 -8.66 9.21 -9.14
CA GLU F 96 -7.74 9.33 -10.27
C GLU F 96 -7.71 10.79 -10.71
N ASN F 97 -8.82 11.48 -10.47
CA ASN F 97 -8.89 12.91 -10.72
C ASN F 97 -8.41 13.79 -9.58
N ILE F 98 -8.09 13.16 -8.45
CA ILE F 98 -7.48 13.85 -7.31
C ILE F 98 -6.32 13.01 -6.78
N GLU F 99 -5.18 13.10 -7.42
CA GLU F 99 -4.08 12.18 -7.12
C GLU F 99 -3.55 12.32 -5.71
N LYS F 100 -3.75 13.47 -5.09
CA LYS F 100 -3.12 13.76 -3.81
C LYS F 100 -3.57 15.12 -3.30
N ILE F 101 -3.52 15.27 -1.99
CA ILE F 101 -3.87 16.53 -1.34
C ILE F 101 -2.78 16.91 -0.38
N ASP F 102 -2.40 18.19 -0.39
CA ASP F 102 -1.35 18.71 0.48
C ASP F 102 -1.96 19.71 1.43
N TYR F 103 -1.55 19.64 2.69
CA TYR F 103 -2.04 20.55 3.75
C TYR F 103 -0.88 21.30 4.43
N GLU F 104 -1.06 22.59 4.64
CA GLU F 104 -0.12 23.37 5.41
C GLU F 104 -0.98 24.07 6.45
N THR F 105 -0.54 23.96 7.70
CA THR F 105 -1.25 24.55 8.84
C THR F 105 -0.33 25.52 9.55
N LYS F 106 -0.81 26.74 9.74
CA LYS F 106 -0.09 27.75 10.47
C LYS F 106 -0.91 28.18 11.67
N LEU F 107 -0.31 28.18 12.86
CA LEU F 107 -0.96 28.68 14.07
C LEU F 107 -0.47 30.09 14.37
N VAL F 108 -1.12 31.07 13.78
CA VAL F 108 -0.78 32.47 13.97
C VAL F 108 -1.42 32.95 15.27
N SER F 109 -0.70 33.83 15.97
CA SER F 109 -1.18 34.41 17.22
C SER F 109 -2.37 35.37 17.00
N ALA F 110 -3.07 35.66 18.09
CA ALA F 110 -4.15 36.66 18.09
C ALA F 110 -3.76 37.86 18.96
N PRO F 111 -4.05 39.10 18.51
CA PRO F 111 -3.79 40.24 19.40
C PRO F 111 -4.70 40.19 20.63
N HIS F 112 -5.85 39.52 20.50
CA HIS F 112 -6.74 39.30 21.63
C HIS F 112 -6.21 38.23 22.61
N GLY F 113 -5.17 37.49 22.23
CA GLY F 113 -4.64 36.38 23.05
C GLY F 113 -5.25 35.06 22.60
N GLY F 114 -4.43 34.18 22.05
CA GLY F 114 -4.93 32.91 21.50
C GLY F 114 -4.42 32.62 20.10
N THR F 115 -5.22 31.89 19.33
CA THR F 115 -4.79 31.34 18.04
C THR F 115 -5.84 31.40 16.91
N ILE F 116 -5.36 31.71 15.70
CA ILE F 116 -6.07 31.46 14.46
C ILE F 116 -5.43 30.30 13.73
N ILE F 117 -6.15 29.20 13.63
CA ILE F 117 -5.70 28.08 12.81
C ILE F 117 -5.98 28.38 11.32
N LYS F 118 -4.90 28.66 10.60
CA LYS F 118 -4.96 28.82 9.15
C LYS F 118 -4.50 27.54 8.47
N THR F 119 -5.40 26.93 7.71
CA THR F 119 -5.04 25.74 6.94
C THR F 119 -5.26 25.92 5.43
N THR F 120 -4.17 25.72 4.66
CA THR F 120 -4.22 25.76 3.20
C THR F 120 -4.19 24.34 2.71
N SER F 121 -5.18 24.00 1.90
CA SER F 121 -5.32 22.68 1.29
C SER F 121 -5.11 22.84 -0.19
N LYS F 122 -4.06 22.19 -0.68
CA LYS F 122 -3.70 22.22 -2.09
C LYS F 122 -3.92 20.85 -2.70
N TYR F 123 -5.02 20.73 -3.45
CA TYR F 123 -5.43 19.48 -4.10
C TYR F 123 -4.77 19.31 -5.48
N HIS F 124 -4.01 18.24 -5.70
CA HIS F 124 -3.40 18.02 -7.03
C HIS F 124 -4.32 17.25 -7.96
N THR F 125 -4.78 17.93 -9.02
CA THR F 125 -5.77 17.37 -9.93
C THR F 125 -5.15 16.73 -11.17
N LYS F 126 -5.76 15.64 -11.67
CA LYS F 126 -5.44 15.09 -13.00
C LYS F 126 -6.72 14.93 -13.83
N GLY F 127 -6.70 15.35 -15.09
CA GLY F 127 -7.91 15.40 -15.90
C GLY F 127 -8.79 16.56 -15.50
N ASP F 128 -10.07 16.49 -15.84
CA ASP F 128 -10.99 17.58 -15.51
C ASP F 128 -10.89 17.80 -14.03
N VAL F 129 -11.33 18.98 -13.60
CA VAL F 129 -11.30 19.35 -12.19
C VAL F 129 -12.74 19.38 -11.68
N GLU F 130 -13.15 18.26 -11.11
CA GLU F 130 -14.48 18.08 -10.54
C GLU F 130 -14.27 17.99 -9.03
N ILE F 131 -14.82 18.94 -8.29
CA ILE F 131 -14.65 18.97 -6.84
C ILE F 131 -15.95 19.38 -6.15
N LYS F 132 -16.51 18.46 -5.37
CA LYS F 132 -17.78 18.71 -4.68
C LYS F 132 -17.50 19.55 -3.45
N GLU F 133 -18.13 20.71 -3.39
CA GLU F 133 -18.06 21.61 -2.24
C GLU F 133 -18.49 20.98 -0.91
N GLU F 134 -19.52 20.15 -0.99
CA GLU F 134 -19.98 19.34 0.13
C GLU F 134 -18.84 18.56 0.78
N HIS F 135 -18.03 17.87 -0.02
CA HIS F 135 -16.91 17.11 0.54
C HIS F 135 -15.86 18.03 1.19
N VAL F 136 -15.76 19.28 0.72
CA VAL F 136 -14.80 20.24 1.29
C VAL F 136 -15.30 20.76 2.65
N LYS F 137 -16.44 21.46 2.67
CA LYS F 137 -17.06 21.96 3.92
C LYS F 137 -17.16 20.92 5.06
N ALA F 138 -17.07 19.64 4.70
CA ALA F 138 -17.30 18.58 5.64
C ALA F 138 -15.98 18.18 6.26
N GLY F 139 -14.88 18.30 5.52
CA GLY F 139 -13.56 18.20 6.12
C GLY F 139 -13.32 19.37 7.07
N LYS F 140 -14.00 20.48 6.80
CA LYS F 140 -13.89 21.69 7.61
C LYS F 140 -14.53 21.48 8.98
N GLU F 141 -15.76 20.98 8.99
CA GLU F 141 -16.44 20.54 10.19
C GLU F 141 -15.57 19.56 10.97
N LYS F 142 -15.05 18.52 10.29
CA LYS F 142 -14.29 17.44 10.94
C LYS F 142 -13.19 18.00 11.83
N ALA F 143 -12.40 18.88 11.26
CA ALA F 143 -11.31 19.54 11.99
C ALA F 143 -11.81 20.48 13.06
N ALA F 144 -12.79 21.31 12.72
CA ALA F 144 -13.36 22.29 13.67
C ALA F 144 -13.82 21.59 14.93
N HIS F 145 -14.44 20.42 14.78
CA HIS F 145 -14.88 19.63 15.91
C HIS F 145 -13.69 19.08 16.66
N LEU F 146 -12.60 18.85 15.95
CA LEU F 146 -11.39 18.35 16.57
C LEU F 146 -10.75 19.38 17.47
N PHE F 147 -10.61 20.59 16.96
CA PHE F 147 -10.04 21.69 17.74
C PHE F 147 -10.96 22.03 18.88
N LYS F 148 -12.27 21.90 18.72
CA LYS F 148 -13.14 22.08 19.88
C LYS F 148 -12.78 21.08 20.95
N LEU F 149 -12.84 19.81 20.60
CA LEU F 149 -12.52 18.79 21.54
C LEU F 149 -11.17 19.03 22.19
N ILE F 150 -10.19 19.49 21.42
CA ILE F 150 -8.84 19.72 21.95
C ILE F 150 -8.80 20.92 22.91
N GLU F 151 -9.60 21.94 22.61
CA GLU F 151 -9.78 23.07 23.51
C GLU F 151 -10.26 22.59 24.86
N GLY F 152 -11.40 21.92 24.85
CA GLY F 152 -12.01 21.37 26.05
C GLY F 152 -11.00 20.62 26.87
N TYR F 153 -10.30 19.67 26.26
CA TYR F 153 -9.26 18.94 26.97
C TYR F 153 -8.32 19.92 27.64
N LEU F 154 -7.64 20.75 26.86
CA LEU F 154 -6.61 21.67 27.39
C LEU F 154 -7.15 22.57 28.50
N LYS F 155 -8.35 23.09 28.31
CA LYS F 155 -8.95 23.91 29.32
C LYS F 155 -9.15 23.14 30.63
N ASP F 156 -9.41 21.84 30.54
CA ASP F 156 -9.58 21.01 31.73
C ASP F 156 -8.25 20.38 32.22
N HIS F 157 -7.13 20.80 31.63
CA HIS F 157 -5.79 20.28 31.99
C HIS F 157 -4.65 21.27 31.77
N PRO F 158 -4.71 22.48 32.39
CA PRO F 158 -3.66 23.52 32.15
C PRO F 158 -2.18 23.15 32.49
N SER F 159 -1.96 22.08 33.23
CA SER F 159 -0.57 21.67 33.47
C SER F 159 0.09 21.18 32.18
N GLU F 160 -0.69 20.81 31.18
CA GLU F 160 -0.13 20.12 30.02
C GLU F 160 0.30 21.06 28.90
N TYR F 161 1.35 20.60 28.19
CA TYR F 161 1.79 21.23 26.96
C TYR F 161 2.15 22.67 27.17
N ASN F 162 3.14 22.88 28.03
CA ASN F 162 3.44 24.22 28.47
C ASN F 162 4.81 24.68 28.05
#